data_9M1F
#
_entry.id   9M1F
#
_cell.length_a   63.390
_cell.length_b   95.280
_cell.length_c   64.543
_cell.angle_alpha   90.000
_cell.angle_beta   109.347
_cell.angle_gamma   90.000
#
_symmetry.space_group_name_H-M   'P 1 21 1'
#
loop_
_entity.id
_entity.type
_entity.pdbx_description
1 polymer 'Tryptophan--tRNA ligase'
2 non-polymer '(5~{S},6~{R})-5-methyl-7-thia-2-azatricyclo[6.3.1.0^{4,12}]dodeca-1(12),3,8,10-tetraene-6-carboxylic acid'
3 non-polymer "ADENOSINE-5'-TRIPHOSPHATE"
4 non-polymer 'MAGNESIUM ION'
5 non-polymer GLYCEROL
6 water water
#
_entity_poly.entity_id   1
_entity_poly.type   'polypeptide(L)'
_entity_poly.pdbx_seq_one_letter_code
;MTKPIVFSGAQPSGELTIGNYMGALRQWVNMQDDYHCIYCIVDQHAITVRQDAQKLRKATLDTLALYLACGIDPEKSTIF
VQSHVPEHAQLGWALNCYTYFGELSRMTQFKDKSARYAENINAGLFDYPVLMAADILLYQTNLVPVGEDQKQHLELSRDI
AQRFNALYGEIFKVPEPFIPKSGARVMSLLEPTKKMSKSDDNRNNVIGLLEDPKSVVKKIKRAVTDSDEPPVVRYDVQNK
AGVSNLLDILSAVTGQSIPELEKQFEGKMYGHLKGEVADAVSGMLTELQERYHRFRNDEAFLQQVMKDGAEKASAHASRT
LKAVYEAIGFVAKPHHHHHH
;
_entity_poly.pdbx_strand_id   A,B
#
loop_
_chem_comp.id
_chem_comp.type
_chem_comp.name
_chem_comp.formula
9E0 non-polymer '(5~{S},6~{R})-5-methyl-7-thia-2-azatricyclo[6.3.1.0^{4,12}]dodeca-1(12),3,8,10-tetraene-6-carboxylic acid' 'C12 H11 N O2 S'
ATP non-polymer ADENOSINE-5'-TRIPHOSPHATE 'C10 H16 N5 O13 P3'
GOL non-polymer GLYCEROL 'C3 H8 O3'
MG non-polymer 'MAGNESIUM ION' 'Mg 2'
#
# COMPACT_ATOMS: atom_id res chain seq x y z
N LYS A 3 22.80 6.87 21.61
CA LYS A 3 22.20 5.54 21.67
C LYS A 3 21.54 5.16 20.35
N PRO A 4 21.98 4.06 19.76
CA PRO A 4 21.32 3.58 18.54
C PRO A 4 19.85 3.28 18.82
N ILE A 5 19.08 3.21 17.75
CA ILE A 5 17.64 2.95 17.84
C ILE A 5 17.35 1.51 17.45
N VAL A 6 16.47 0.87 18.22
CA VAL A 6 16.01 -0.49 17.95
C VAL A 6 14.52 -0.40 17.64
N PHE A 7 14.10 -1.09 16.57
CA PHE A 7 12.69 -1.23 16.24
C PHE A 7 12.41 -2.70 15.95
N SER A 8 11.27 -3.20 16.44
CA SER A 8 10.89 -4.55 16.03
C SER A 8 9.38 -4.70 16.19
N GLY A 9 8.81 -5.67 15.49
CA GLY A 9 7.37 -5.87 15.52
C GLY A 9 6.98 -7.31 15.72
N ALA A 10 5.71 -7.50 16.11
CA ALA A 10 5.12 -8.84 16.11
C ALA A 10 3.66 -8.72 15.76
N GLN A 11 3.15 -9.70 15.03
CA GLN A 11 1.75 -9.66 14.59
C GLN A 11 0.83 -10.16 15.67
N PRO A 12 -0.29 -9.47 15.92
CA PRO A 12 -1.37 -10.04 16.74
C PRO A 12 -2.18 -11.08 15.97
N SER A 13 -1.51 -12.12 15.48
CA SER A 13 -2.15 -13.14 14.65
C SER A 13 -2.47 -14.40 15.41
N GLY A 14 -2.36 -14.36 16.73
CA GLY A 14 -2.41 -15.55 17.56
C GLY A 14 -1.73 -15.25 18.88
N GLU A 15 -1.61 -16.29 19.70
CA GLU A 15 -0.91 -16.18 20.98
C GLU A 15 0.59 -16.32 20.77
N LEU A 16 1.36 -15.37 21.27
CA LEU A 16 2.81 -15.44 21.14
C LEU A 16 3.32 -16.75 21.69
N THR A 17 4.29 -17.33 20.98
CA THR A 17 4.83 -18.65 21.27
C THR A 17 6.19 -18.54 21.94
N ILE A 18 6.70 -19.68 22.39
CA ILE A 18 8.08 -19.70 22.89
C ILE A 18 9.08 -19.40 21.77
N GLY A 19 8.74 -19.75 20.53
CA GLY A 19 9.60 -19.35 19.42
C GLY A 19 9.67 -17.84 19.22
N ASN A 20 8.52 -17.16 19.30
CA ASN A 20 8.53 -15.70 19.35
C ASN A 20 9.39 -15.17 20.49
N TYR A 21 9.31 -15.81 21.66
CA TYR A 21 10.08 -15.36 22.82
C TYR A 21 11.58 -15.51 22.56
N MET A 22 12.01 -16.71 22.19
CA MET A 22 13.45 -16.92 22.00
C MET A 22 13.98 -16.18 20.78
N GLY A 23 13.23 -16.19 19.68
CA GLY A 23 13.72 -15.54 18.47
C GLY A 23 13.74 -14.02 18.57
N ALA A 24 12.75 -13.44 19.25
CA ALA A 24 12.63 -11.98 19.27
C ALA A 24 12.52 -11.35 20.65
N LEU A 25 11.48 -11.72 21.40
CA LEU A 25 11.07 -10.94 22.58
C LEU A 25 12.15 -10.92 23.65
N ARG A 26 12.84 -12.05 23.84
CA ARG A 26 13.91 -12.10 24.83
C ARG A 26 14.99 -11.05 24.50
N GLN A 27 15.35 -10.91 23.23
CA GLN A 27 16.30 -9.86 22.83
C GLN A 27 15.71 -8.47 23.00
N TRP A 28 14.43 -8.28 22.68
CA TRP A 28 13.80 -6.96 22.87
C TRP A 28 13.98 -6.47 24.29
N VAL A 29 13.65 -7.35 25.26
CA VAL A 29 13.78 -7.02 26.67
C VAL A 29 15.22 -6.67 27.00
N ASN A 30 16.18 -7.48 26.51
CA ASN A 30 17.60 -7.32 26.83
C ASN A 30 18.18 -6.01 26.31
N MET A 31 17.61 -5.45 25.25
CA MET A 31 18.20 -4.31 24.58
C MET A 31 17.71 -2.96 25.14
N GLN A 32 16.87 -2.96 26.17
CA GLN A 32 16.15 -1.75 26.53
C GLN A 32 17.02 -0.67 27.17
N ASP A 33 18.16 -1.02 27.75
CA ASP A 33 19.06 -0.03 28.34
C ASP A 33 20.11 0.46 27.36
N ASP A 34 20.63 -0.40 26.51
CA ASP A 34 21.69 -0.01 25.58
C ASP A 34 21.18 0.65 24.32
N TYR A 35 19.87 0.58 24.04
CA TYR A 35 19.27 1.15 22.84
C TYR A 35 18.01 1.91 23.18
N HIS A 36 17.67 2.85 22.30
CA HIS A 36 16.35 3.48 22.32
C HIS A 36 15.42 2.53 21.57
N CYS A 37 14.61 1.80 22.32
CA CYS A 37 13.84 0.68 21.78
C CYS A 37 12.40 1.10 21.49
N ILE A 38 11.90 0.63 20.34
CA ILE A 38 10.55 0.92 19.88
C ILE A 38 9.96 -0.42 19.46
N TYR A 39 8.86 -0.82 20.10
CA TYR A 39 8.25 -2.12 19.79
C TYR A 39 6.80 -1.95 19.41
N CYS A 40 6.40 -2.67 18.36
CA CYS A 40 5.15 -2.43 17.67
C CYS A 40 4.31 -3.70 17.59
N ILE A 41 3.02 -3.57 17.83
CA ILE A 41 2.06 -4.62 17.50
C ILE A 41 1.53 -4.32 16.11
N VAL A 42 1.92 -5.12 15.13
CA VAL A 42 1.71 -4.76 13.71
C VAL A 42 0.39 -5.39 13.27
N ASP A 43 -0.72 -4.74 13.62
CA ASP A 43 -2.02 -5.27 13.25
C ASP A 43 -2.34 -5.08 11.76
N GLN A 44 -1.71 -4.09 11.11
CA GLN A 44 -1.85 -3.97 9.65
C GLN A 44 -1.17 -5.13 8.93
N HIS A 45 -0.06 -5.63 9.47
CA HIS A 45 0.52 -6.83 8.89
C HIS A 45 -0.34 -8.05 9.16
N ALA A 46 -1.01 -8.09 10.32
CA ALA A 46 -1.73 -9.30 10.70
C ALA A 46 -2.86 -9.60 9.71
N ILE A 47 -3.49 -8.58 9.12
CA ILE A 47 -4.64 -8.82 8.25
C ILE A 47 -4.25 -9.27 6.84
N THR A 48 -2.96 -9.37 6.53
CA THR A 48 -2.59 -10.04 5.29
C THR A 48 -3.01 -11.51 5.30
N VAL A 49 -3.36 -12.04 6.47
CA VAL A 49 -3.99 -13.33 6.62
C VAL A 49 -5.35 -13.08 7.26
N ARG A 50 -6.39 -13.76 6.77
CA ARG A 50 -7.74 -13.44 7.21
C ARG A 50 -7.92 -13.72 8.70
N GLN A 51 -8.38 -12.70 9.42
CA GLN A 51 -8.58 -12.74 10.86
C GLN A 51 -10.05 -12.55 11.17
N ASP A 52 -10.57 -13.34 12.09
CA ASP A 52 -11.85 -13.01 12.69
C ASP A 52 -11.70 -11.67 13.40
N ALA A 53 -12.65 -10.75 13.16
CA ALA A 53 -12.48 -9.39 13.67
C ALA A 53 -12.40 -9.37 15.20
N GLN A 54 -13.25 -10.13 15.86
CA GLN A 54 -13.24 -10.16 17.35
C GLN A 54 -11.90 -10.74 17.85
N LYS A 55 -11.43 -11.79 17.21
CA LYS A 55 -10.17 -12.40 17.65
C LYS A 55 -8.99 -11.46 17.43
N LEU A 56 -9.04 -10.61 16.38
CA LEU A 56 -7.95 -9.69 16.08
C LEU A 56 -7.85 -8.59 17.12
N ARG A 57 -8.98 -8.02 17.53
CA ARG A 57 -8.97 -7.01 18.58
C ARG A 57 -8.42 -7.61 19.87
N LYS A 58 -8.91 -8.80 20.25
CA LYS A 58 -8.45 -9.47 21.46
C LYS A 58 -6.96 -9.80 21.37
N ALA A 59 -6.52 -10.28 20.23
CA ALA A 59 -5.13 -10.66 20.07
C ALA A 59 -4.21 -9.46 20.13
N THR A 60 -4.68 -8.29 19.66
CA THR A 60 -3.88 -7.08 19.78
C THR A 60 -3.61 -6.76 21.25
N LEU A 61 -4.67 -6.78 22.08
CA LEU A 61 -4.49 -6.51 23.49
C LEU A 61 -3.73 -7.63 24.20
N ASP A 62 -3.93 -8.88 23.78
CA ASP A 62 -3.14 -9.97 24.35
C ASP A 62 -1.66 -9.76 24.09
N THR A 63 -1.33 -9.35 22.87
CA THR A 63 0.08 -9.17 22.49
C THR A 63 0.71 -8.04 23.29
N LEU A 64 -0.02 -6.94 23.47
CA LEU A 64 0.45 -5.83 24.29
C LEU A 64 0.71 -6.25 25.73
N ALA A 65 -0.24 -6.96 26.33
CA ALA A 65 -0.03 -7.42 27.69
C ALA A 65 1.12 -8.42 27.78
N LEU A 66 1.33 -9.21 26.73
CA LEU A 66 2.46 -10.15 26.74
C LEU A 66 3.80 -9.44 26.63
N TYR A 67 3.88 -8.36 25.82
CA TYR A 67 5.09 -7.55 25.78
C TYR A 67 5.44 -7.08 27.19
N LEU A 68 4.44 -6.48 27.83
CA LEU A 68 4.59 -5.95 29.19
C LEU A 68 5.00 -7.07 30.14
N ALA A 69 4.34 -8.22 30.02
CA ALA A 69 4.64 -9.35 30.91
C ALA A 69 6.06 -9.86 30.72
N CYS A 70 6.57 -9.85 29.49
CA CYS A 70 7.92 -10.33 29.24
C CYS A 70 8.98 -9.37 29.76
N GLY A 71 8.60 -8.15 30.14
CA GLY A 71 9.58 -7.18 30.59
C GLY A 71 9.75 -5.99 29.69
N ILE A 72 9.06 -5.87 28.57
CA ILE A 72 9.08 -4.60 27.84
C ILE A 72 8.53 -3.53 28.76
N ASP A 73 9.34 -2.51 29.04
CA ASP A 73 9.07 -1.47 30.01
C ASP A 73 8.59 -0.20 29.30
N PRO A 74 7.34 0.23 29.50
CA PRO A 74 6.86 1.43 28.78
C PRO A 74 7.56 2.71 29.20
N GLU A 75 8.26 2.72 30.32
CA GLU A 75 9.04 3.90 30.68
C GLU A 75 10.43 3.90 30.05
N LYS A 76 10.87 2.77 29.50
CA LYS A 76 12.13 2.70 28.76
C LYS A 76 11.94 2.60 27.25
N SER A 77 10.90 1.89 26.81
CA SER A 77 10.68 1.62 25.39
C SER A 77 9.37 2.25 24.95
N THR A 78 9.29 2.58 23.67
CA THR A 78 8.03 2.99 23.07
C THR A 78 7.31 1.72 22.67
N ILE A 79 6.04 1.60 23.07
CA ILE A 79 5.19 0.47 22.68
C ILE A 79 3.94 1.02 22.06
N PHE A 80 3.59 0.52 20.88
CA PHE A 80 2.43 1.09 20.22
C PHE A 80 1.84 0.10 19.22
N VAL A 81 0.61 0.40 18.81
CA VAL A 81 -0.11 -0.40 17.84
C VAL A 81 0.06 0.28 16.50
N GLN A 82 0.50 -0.50 15.50
CA GLN A 82 0.85 0.01 14.18
C GLN A 82 -0.23 0.89 13.58
N SER A 83 -1.48 0.43 13.60
CA SER A 83 -2.53 1.17 12.92
C SER A 83 -2.82 2.50 13.60
N HIS A 84 -2.33 2.71 14.82
CA HIS A 84 -2.49 3.98 15.51
C HIS A 84 -1.56 5.07 14.97
N VAL A 85 -0.59 4.72 14.14
CA VAL A 85 0.33 5.68 13.58
C VAL A 85 0.18 5.67 12.06
N PRO A 86 -0.57 6.63 11.49
CA PRO A 86 -0.84 6.62 10.04
C PRO A 86 0.41 6.67 9.18
N GLU A 87 1.49 7.24 9.68
CA GLU A 87 2.72 7.38 8.88
C GLU A 87 3.22 6.01 8.36
N HIS A 88 2.90 4.94 9.09
CA HIS A 88 3.35 3.64 8.62
C HIS A 88 2.75 3.30 7.25
N ALA A 89 1.42 3.42 7.12
CA ALA A 89 0.80 3.20 5.81
C ALA A 89 1.28 4.22 4.78
N GLN A 90 1.47 5.49 5.19
CA GLN A 90 1.89 6.52 4.23
C GLN A 90 3.30 6.24 3.69
N LEU A 91 4.25 5.90 4.56
CA LEU A 91 5.56 5.52 4.05
C LEU A 91 5.53 4.19 3.32
N GLY A 92 4.67 3.27 3.77
CA GLY A 92 4.50 2.02 3.06
C GLY A 92 4.19 2.22 1.59
N TRP A 93 3.29 3.17 1.29
CA TRP A 93 2.95 3.42 -0.11
C TRP A 93 4.14 4.02 -0.85
N ALA A 94 4.76 5.05 -0.27
CA ALA A 94 5.85 5.71 -0.96
C ALA A 94 7.00 4.72 -1.23
N LEU A 95 7.31 3.85 -0.26
CA LEU A 95 8.36 2.86 -0.48
C LEU A 95 7.99 1.82 -1.54
N ASN A 96 6.69 1.50 -1.72
CA ASN A 96 6.30 0.65 -2.84
C ASN A 96 6.88 1.16 -4.16
N CYS A 97 6.91 2.47 -4.33
CA CYS A 97 7.33 3.04 -5.60
C CYS A 97 8.84 2.97 -5.80
N TYR A 98 9.58 2.52 -4.81
CA TYR A 98 11.02 2.32 -4.90
C TYR A 98 11.41 0.87 -4.66
N THR A 99 10.45 -0.06 -4.68
CA THR A 99 10.70 -1.49 -4.52
C THR A 99 10.34 -2.20 -5.82
N TYR A 100 11.28 -3.01 -6.32
CA TYR A 100 11.03 -3.75 -7.55
C TYR A 100 10.02 -4.86 -7.29
N PHE A 101 9.12 -5.05 -8.26
CA PHE A 101 8.21 -6.19 -8.23
C PHE A 101 8.97 -7.50 -8.04
N GLY A 102 10.06 -7.69 -8.78
CA GLY A 102 10.88 -8.89 -8.65
C GLY A 102 11.45 -9.09 -7.26
N GLU A 103 11.72 -8.02 -6.52
CA GLU A 103 12.23 -8.19 -5.15
C GLU A 103 11.18 -8.86 -4.27
N LEU A 104 9.91 -8.54 -4.49
CA LEU A 104 8.82 -9.09 -3.69
C LEU A 104 8.45 -10.51 -4.12
N SER A 105 8.45 -10.78 -5.42
CA SER A 105 8.00 -12.09 -5.89
C SER A 105 8.98 -13.19 -5.50
N ARG A 106 10.24 -12.83 -5.27
CA ARG A 106 11.32 -13.73 -4.89
C ARG A 106 11.33 -14.05 -3.40
N MET A 107 10.45 -13.45 -2.61
CA MET A 107 10.51 -13.69 -1.17
C MET A 107 9.97 -15.03 -0.73
N THR A 108 10.75 -15.66 0.16
CA THR A 108 10.43 -16.98 0.68
C THR A 108 9.10 -16.97 1.42
N GLN A 109 8.85 -15.92 2.21
CA GLN A 109 7.60 -15.87 2.96
C GLN A 109 6.40 -15.79 2.01
N PHE A 110 6.48 -14.92 0.99
CA PHE A 110 5.37 -14.81 0.05
C PHE A 110 5.04 -16.15 -0.59
N LYS A 111 6.05 -16.85 -1.10
CA LYS A 111 5.82 -18.16 -1.71
C LYS A 111 5.27 -19.16 -0.70
N ASP A 112 5.86 -19.21 0.50
CA ASP A 112 5.43 -20.16 1.51
C ASP A 112 4.00 -19.88 1.97
N LYS A 113 3.70 -18.63 2.33
CA LYS A 113 2.35 -18.29 2.75
C LYS A 113 1.35 -18.45 1.60
N SER A 114 1.78 -18.19 0.35
CA SER A 114 0.89 -18.42 -0.78
C SER A 114 0.49 -19.89 -0.88
N ALA A 115 1.46 -20.79 -0.68
CA ALA A 115 1.13 -22.21 -0.60
C ALA A 115 0.16 -22.49 0.53
N ARG A 116 0.38 -21.88 1.70
CA ARG A 116 -0.44 -22.20 2.86
C ARG A 116 -1.83 -21.59 2.77
N TYR A 117 -2.00 -20.49 2.05
CA TYR A 117 -3.23 -19.74 1.97
C TYR A 117 -3.63 -19.53 0.52
N ALA A 118 -3.70 -20.63 -0.25
CA ALA A 118 -3.87 -20.56 -1.70
C ALA A 118 -5.15 -19.85 -2.11
N GLU A 119 -6.16 -19.81 -1.24
CA GLU A 119 -7.42 -19.12 -1.48
C GLU A 119 -7.39 -17.64 -1.10
N ASN A 120 -6.29 -17.13 -0.58
CA ASN A 120 -6.18 -15.73 -0.18
C ASN A 120 -4.78 -15.20 -0.45
N ILE A 121 -4.29 -15.41 -1.68
CA ILE A 121 -3.04 -14.77 -2.09
C ILE A 121 -3.35 -13.33 -2.46
N ASN A 122 -3.26 -12.43 -1.47
CA ASN A 122 -3.65 -11.05 -1.66
C ASN A 122 -2.43 -10.14 -1.79
N ALA A 123 -2.70 -8.89 -2.21
CA ALA A 123 -1.63 -7.93 -2.44
C ALA A 123 -0.93 -7.52 -1.14
N GLY A 124 -1.62 -7.61 0.00
CA GLY A 124 -0.97 -7.35 1.28
C GLY A 124 0.11 -8.36 1.59
N LEU A 125 -0.16 -9.64 1.32
CA LEU A 125 0.85 -10.67 1.49
C LEU A 125 2.07 -10.40 0.64
N PHE A 126 1.85 -9.98 -0.61
CA PHE A 126 2.95 -9.65 -1.52
C PHE A 126 3.73 -8.43 -1.05
N ASP A 127 3.01 -7.40 -0.59
N ASP A 127 3.01 -7.38 -0.63
CA ASP A 127 3.55 -6.12 -0.18
CA ASP A 127 3.63 -6.12 -0.19
C ASP A 127 4.06 -6.11 1.25
C ASP A 127 4.12 -6.14 1.24
N TYR A 128 3.89 -7.22 1.98
CA TYR A 128 4.34 -7.35 3.36
C TYR A 128 5.72 -6.78 3.64
N PRO A 129 6.78 -7.14 2.91
CA PRO A 129 8.11 -6.61 3.26
C PRO A 129 8.22 -5.10 3.09
N VAL A 130 7.44 -4.49 2.20
CA VAL A 130 7.52 -3.03 2.03
C VAL A 130 6.98 -2.31 3.25
N LEU A 131 5.81 -2.72 3.76
CA LEU A 131 5.29 -2.11 4.98
C LEU A 131 6.25 -2.33 6.15
N MET A 132 6.88 -3.51 6.20
CA MET A 132 7.92 -3.75 7.19
C MET A 132 9.04 -2.73 7.08
N ALA A 133 9.55 -2.51 5.87
CA ALA A 133 10.60 -1.52 5.69
C ALA A 133 10.12 -0.16 6.17
N ALA A 134 8.86 0.17 5.90
CA ALA A 134 8.29 1.44 6.34
C ALA A 134 8.27 1.52 7.87
N ASP A 135 7.80 0.45 8.54
CA ASP A 135 7.83 0.43 10.01
C ASP A 135 9.23 0.76 10.53
N ILE A 136 10.25 0.13 9.94
CA ILE A 136 11.61 0.25 10.44
C ILE A 136 12.18 1.63 10.13
N LEU A 137 12.05 2.06 8.85
CA LEU A 137 12.78 3.24 8.42
C LEU A 137 12.21 4.50 9.01
N LEU A 138 10.94 4.51 9.41
CA LEU A 138 10.31 5.69 9.98
C LEU A 138 11.06 6.19 11.22
N TYR A 139 11.68 5.29 11.98
CA TYR A 139 12.24 5.63 13.29
C TYR A 139 13.76 5.78 13.25
N GLN A 140 14.34 5.92 12.05
CA GLN A 140 15.80 6.04 11.90
C GLN A 140 16.49 4.88 12.61
N THR A 141 15.90 3.71 12.47
CA THR A 141 16.33 2.51 13.17
C THR A 141 17.72 2.08 12.72
N ASN A 142 18.54 1.71 13.70
CA ASN A 142 19.84 1.10 13.47
C ASN A 142 19.82 -0.41 13.50
N LEU A 143 19.01 -1.01 14.38
CA LEU A 143 19.12 -2.44 14.67
C LEU A 143 17.72 -3.04 14.83
N VAL A 144 17.51 -4.20 14.21
CA VAL A 144 16.20 -4.83 14.17
C VAL A 144 16.29 -6.26 14.69
N PRO A 145 15.91 -6.51 15.96
CA PRO A 145 16.02 -7.88 16.53
C PRO A 145 14.87 -8.73 16.03
N VAL A 146 15.20 -9.79 15.29
CA VAL A 146 14.19 -10.69 14.70
C VAL A 146 14.74 -12.10 14.77
N GLY A 147 13.86 -13.05 14.49
CA GLY A 147 14.31 -14.42 14.30
C GLY A 147 14.80 -14.64 12.89
N GLU A 148 15.38 -15.83 12.67
CA GLU A 148 16.06 -16.13 11.41
C GLU A 148 15.16 -16.00 10.20
N ASP A 149 13.86 -16.30 10.34
CA ASP A 149 12.99 -16.34 9.16
C ASP A 149 12.82 -14.96 8.50
N GLN A 150 13.17 -13.88 9.21
CA GLN A 150 12.97 -12.53 8.68
C GLN A 150 14.24 -11.95 8.08
N LYS A 151 15.32 -12.75 7.97
CA LYS A 151 16.58 -12.25 7.43
C LYS A 151 16.41 -11.64 6.05
N GLN A 152 15.71 -12.35 5.16
CA GLN A 152 15.51 -11.89 3.79
C GLN A 152 14.71 -10.60 3.74
N HIS A 153 13.66 -10.50 4.55
CA HIS A 153 12.90 -9.26 4.60
C HIS A 153 13.77 -8.09 5.04
N LEU A 154 14.63 -8.32 6.03
CA LEU A 154 15.48 -7.24 6.52
C LEU A 154 16.49 -6.82 5.47
N GLU A 155 16.98 -7.78 4.65
CA GLU A 155 17.84 -7.45 3.53
C GLU A 155 17.17 -6.46 2.58
N LEU A 156 15.87 -6.65 2.32
CA LEU A 156 15.16 -5.71 1.47
C LEU A 156 15.10 -4.32 2.10
N SER A 157 14.82 -4.26 3.42
CA SER A 157 14.78 -2.96 4.11
C SER A 157 16.09 -2.22 3.94
N ARG A 158 17.21 -2.93 4.07
N ARG A 158 17.21 -2.93 4.06
CA ARG A 158 18.51 -2.34 3.83
CA ARG A 158 18.52 -2.34 3.83
C ARG A 158 18.63 -1.81 2.40
C ARG A 158 18.67 -1.83 2.40
N ASP A 159 18.25 -2.63 1.43
CA ASP A 159 18.37 -2.23 0.03
C ASP A 159 17.49 -1.02 -0.29
N ILE A 160 16.27 -0.99 0.27
CA ILE A 160 15.36 0.14 0.03
C ILE A 160 15.93 1.42 0.65
N ALA A 161 16.39 1.33 1.89
CA ALA A 161 17.00 2.51 2.51
C ALA A 161 18.15 3.04 1.68
N GLN A 162 19.04 2.14 1.22
CA GLN A 162 20.20 2.61 0.47
C GLN A 162 19.80 3.15 -0.90
N ARG A 163 18.81 2.52 -1.53
CA ARG A 163 18.34 2.97 -2.84
C ARG A 163 17.73 4.36 -2.74
N PHE A 164 16.89 4.58 -1.73
CA PHE A 164 16.25 5.88 -1.56
C PHE A 164 17.28 6.95 -1.21
N ASN A 165 18.20 6.62 -0.29
CA ASN A 165 19.26 7.56 0.05
C ASN A 165 20.10 7.94 -1.17
N ALA A 166 20.41 6.98 -2.04
CA ALA A 166 21.20 7.28 -3.22
C ALA A 166 20.51 8.31 -4.11
N LEU A 167 19.17 8.25 -4.21
CA LEU A 167 18.44 9.23 -5.00
C LEU A 167 18.30 10.57 -4.30
N TYR A 168 18.08 10.58 -2.99
CA TYR A 168 17.57 11.77 -2.32
C TYR A 168 18.43 12.30 -1.17
N GLY A 169 19.55 11.64 -0.85
CA GLY A 169 20.36 12.03 0.29
C GLY A 169 20.05 11.19 1.50
N GLU A 170 20.72 11.51 2.62
CA GLU A 170 20.70 10.65 3.81
C GLU A 170 19.39 10.78 4.59
N ILE A 171 18.29 10.37 3.95
CA ILE A 171 16.97 10.43 4.56
C ILE A 171 16.82 9.37 5.64
N PHE A 172 17.26 8.15 5.35
CA PHE A 172 17.08 7.00 6.20
C PHE A 172 18.40 6.54 6.81
N LYS A 173 18.32 5.95 8.00
CA LYS A 173 19.42 5.10 8.45
C LYS A 173 19.29 3.75 7.77
N VAL A 174 20.42 3.09 7.56
CA VAL A 174 20.43 1.76 6.97
C VAL A 174 20.35 0.74 8.10
N PRO A 175 19.27 -0.02 8.24
CA PRO A 175 19.09 -0.87 9.41
C PRO A 175 19.79 -2.22 9.22
N GLU A 176 20.13 -2.83 10.35
CA GLU A 176 20.81 -4.11 10.37
C GLU A 176 20.03 -5.08 11.25
N PRO A 177 20.05 -6.37 10.94
CA PRO A 177 19.36 -7.35 11.79
C PRO A 177 20.15 -7.66 13.05
N PHE A 178 19.42 -8.14 14.05
CA PHE A 178 20.04 -8.69 15.28
C PHE A 178 19.34 -10.05 15.44
N ILE A 179 20.00 -11.10 15.00
CA ILE A 179 19.40 -12.46 15.07
C ILE A 179 20.17 -13.25 16.13
N PRO A 180 19.50 -13.83 17.14
CA PRO A 180 20.24 -14.50 18.22
C PRO A 180 20.95 -15.75 17.73
N LYS A 181 22.06 -16.09 18.37
CA LYS A 181 22.76 -17.30 17.93
C LYS A 181 22.10 -18.60 18.38
N SER A 182 21.25 -18.57 19.40
CA SER A 182 20.46 -19.73 19.76
C SER A 182 18.98 -19.33 19.87
N GLY A 183 18.11 -20.26 19.49
CA GLY A 183 16.68 -20.00 19.51
C GLY A 183 16.18 -19.10 18.40
N ALA A 184 16.96 -18.91 17.32
CA ALA A 184 16.50 -18.03 16.25
C ALA A 184 15.45 -18.66 15.35
N ARG A 185 15.28 -20.00 15.41
CA ARG A 185 14.26 -20.68 14.60
C ARG A 185 13.78 -21.91 15.38
N VAL A 186 12.83 -21.71 16.28
CA VAL A 186 12.27 -22.81 17.04
C VAL A 186 11.32 -23.57 16.11
N MET A 187 11.44 -24.91 16.07
CA MET A 187 10.65 -25.74 15.16
C MET A 187 9.36 -26.28 15.78
N SER A 188 8.41 -26.60 14.88
CA SER A 188 7.12 -27.16 15.29
C SER A 188 7.27 -28.55 15.90
N LEU A 189 6.49 -28.80 16.95
CA LEU A 189 6.67 -30.02 17.74
C LEU A 189 6.29 -31.28 16.94
N LEU A 190 5.19 -31.22 16.19
CA LEU A 190 4.70 -32.37 15.42
C LEU A 190 5.19 -32.37 13.98
N GLU A 191 5.97 -31.38 13.57
CA GLU A 191 6.57 -31.35 12.25
C GLU A 191 7.84 -30.52 12.36
N PRO A 192 8.92 -31.12 12.88
CA PRO A 192 10.12 -30.33 13.21
C PRO A 192 10.89 -29.83 12.00
N THR A 193 10.42 -30.10 10.79
CA THR A 193 11.02 -29.53 9.59
C THR A 193 10.50 -28.12 9.27
N LYS A 194 9.46 -27.65 9.94
CA LYS A 194 8.94 -26.32 9.74
C LYS A 194 8.92 -25.54 11.06
N LYS A 195 9.15 -24.24 10.97
CA LYS A 195 9.29 -23.47 12.20
C LYS A 195 7.96 -23.37 12.92
N MET A 196 8.05 -23.12 14.22
CA MET A 196 6.86 -22.90 15.02
C MET A 196 6.25 -21.55 14.65
N SER A 197 4.96 -21.53 14.37
CA SER A 197 4.30 -20.30 13.96
C SER A 197 3.05 -20.09 14.78
N LYS A 198 2.90 -18.90 15.33
CA LYS A 198 1.77 -18.60 16.19
C LYS A 198 0.44 -18.78 15.47
N SER A 199 0.42 -18.68 14.14
CA SER A 199 -0.80 -18.77 13.37
C SER A 199 -1.23 -20.20 13.04
N ASP A 200 -0.40 -21.19 13.34
CA ASP A 200 -0.66 -22.56 12.93
C ASP A 200 -2.03 -23.03 13.40
N ASP A 201 -2.81 -23.60 12.47
CA ASP A 201 -4.14 -24.14 12.82
C ASP A 201 -3.99 -25.34 13.74
N ASN A 202 -2.91 -26.08 13.57
CA ASN A 202 -2.57 -27.20 14.45
C ASN A 202 -1.83 -26.65 15.67
N ARG A 203 -2.62 -26.36 16.70
CA ARG A 203 -2.17 -25.85 17.98
C ARG A 203 -1.14 -26.74 18.65
N ASN A 204 -1.09 -28.02 18.33
CA ASN A 204 -0.14 -28.90 19.03
C ASN A 204 1.28 -28.79 18.50
N ASN A 205 1.49 -28.01 17.44
CA ASN A 205 2.84 -27.74 16.96
C ASN A 205 3.55 -26.67 17.78
N VAL A 206 2.83 -26.01 18.67
CA VAL A 206 3.16 -24.70 19.20
C VAL A 206 3.07 -24.73 20.72
N ILE A 207 4.01 -24.07 21.40
CA ILE A 207 3.89 -23.79 22.84
C ILE A 207 3.62 -22.30 23.00
N GLY A 208 2.39 -21.95 23.34
CA GLY A 208 2.07 -20.57 23.62
C GLY A 208 2.59 -20.15 24.99
N LEU A 209 2.86 -18.85 25.11
CA LEU A 209 3.42 -18.33 26.35
C LEU A 209 2.43 -18.47 27.51
N LEU A 210 1.14 -18.65 27.21
CA LEU A 210 0.12 -18.77 28.23
C LEU A 210 -0.31 -20.20 28.49
N GLU A 211 0.50 -21.18 28.11
CA GLU A 211 0.09 -22.58 28.23
C GLU A 211 0.28 -23.07 29.66
N ASP A 212 -0.78 -23.65 30.22
CA ASP A 212 -0.75 -24.16 31.57
C ASP A 212 0.17 -25.39 31.65
N PRO A 213 0.62 -25.76 32.85
CA PRO A 213 1.62 -26.82 32.96
C PRO A 213 1.21 -28.16 32.38
N LYS A 214 -0.07 -28.54 32.44
CA LYS A 214 -0.49 -29.84 31.91
C LYS A 214 -0.38 -29.88 30.39
N SER A 215 -0.86 -28.82 29.73
CA SER A 215 -0.75 -28.70 28.28
C SER A 215 0.70 -28.83 27.82
N VAL A 216 1.62 -28.16 28.52
CA VAL A 216 3.03 -28.19 28.13
C VAL A 216 3.58 -29.61 28.18
N VAL A 217 3.28 -30.33 29.26
CA VAL A 217 3.70 -31.73 29.34
C VAL A 217 3.14 -32.52 28.16
N LYS A 218 1.83 -32.38 27.91
CA LYS A 218 1.15 -33.14 26.87
C LYS A 218 1.76 -32.85 25.50
N LYS A 219 1.99 -31.57 25.19
CA LYS A 219 2.51 -31.20 23.86
C LYS A 219 3.95 -31.67 23.66
N ILE A 220 4.78 -31.51 24.70
CA ILE A 220 6.18 -31.90 24.60
C ILE A 220 6.31 -33.42 24.55
N LYS A 221 5.49 -34.13 25.34
CA LYS A 221 5.53 -35.59 25.31
C LYS A 221 5.25 -36.14 23.91
N ARG A 222 4.37 -35.49 23.15
CA ARG A 222 4.02 -36.03 21.83
C ARG A 222 4.92 -35.51 20.71
N ALA A 223 5.94 -34.73 21.01
CA ALA A 223 6.77 -34.15 19.95
C ALA A 223 7.50 -35.24 19.17
N VAL A 224 7.54 -35.06 17.84
CA VAL A 224 8.16 -36.03 16.95
C VAL A 224 9.64 -36.12 17.23
N THR A 225 10.11 -37.35 17.47
CA THR A 225 11.52 -37.65 17.67
C THR A 225 11.90 -38.79 16.73
N ASP A 226 13.20 -38.99 16.59
CA ASP A 226 13.75 -39.96 15.64
C ASP A 226 13.63 -41.39 16.17
N SER A 227 13.86 -42.34 15.27
CA SER A 227 13.75 -43.77 15.56
C SER A 227 15.12 -44.45 15.64
N ASP A 228 16.11 -43.74 16.18
CA ASP A 228 17.43 -44.32 16.35
C ASP A 228 17.41 -45.46 17.36
N GLU A 229 18.36 -46.38 17.20
CA GLU A 229 18.54 -47.52 18.10
C GLU A 229 20.03 -47.68 18.40
N PRO A 230 20.49 -47.34 19.61
CA PRO A 230 19.72 -46.82 20.76
C PRO A 230 19.34 -45.35 20.57
N PRO A 231 18.40 -44.86 21.37
CA PRO A 231 18.10 -43.42 21.36
C PRO A 231 19.03 -42.62 22.26
N VAL A 232 19.67 -41.60 21.68
CA VAL A 232 20.53 -40.68 22.43
C VAL A 232 20.23 -39.26 21.98
N VAL A 233 20.48 -38.31 22.88
CA VAL A 233 20.27 -36.89 22.62
C VAL A 233 21.51 -36.37 21.88
N ARG A 234 21.45 -36.31 20.56
CA ARG A 234 22.51 -35.76 19.73
C ARG A 234 21.94 -34.72 18.78
N TYR A 235 22.81 -33.82 18.32
CA TYR A 235 22.42 -32.68 17.48
C TYR A 235 22.70 -33.01 16.02
N ASP A 236 21.64 -33.28 15.27
CA ASP A 236 21.73 -33.46 13.81
C ASP A 236 20.40 -32.99 13.24
N VAL A 237 20.36 -31.72 12.81
CA VAL A 237 19.12 -31.13 12.30
C VAL A 237 18.63 -31.90 11.09
N GLN A 238 19.55 -32.43 10.28
CA GLN A 238 19.14 -33.17 9.10
C GLN A 238 18.55 -34.54 9.45
N ASN A 239 18.92 -35.09 10.62
CA ASN A 239 18.55 -36.47 10.95
C ASN A 239 17.97 -36.65 12.35
N LYS A 240 18.12 -35.70 13.25
CA LYS A 240 17.47 -35.73 14.57
C LYS A 240 16.75 -34.41 14.81
N ALA A 241 15.98 -33.97 13.82
CA ALA A 241 15.39 -32.64 13.84
C ALA A 241 14.58 -32.41 15.11
N GLY A 242 13.73 -33.37 15.48
CA GLY A 242 12.91 -33.22 16.67
C GLY A 242 13.73 -33.16 17.95
N VAL A 243 14.69 -34.08 18.10
CA VAL A 243 15.52 -34.07 19.30
C VAL A 243 16.38 -32.81 19.32
N SER A 244 16.96 -32.45 18.16
CA SER A 244 17.75 -31.22 18.06
C SER A 244 16.91 -29.99 18.43
N ASN A 245 15.66 -29.92 17.95
CA ASN A 245 14.82 -28.79 18.31
C ASN A 245 14.53 -28.79 19.82
N LEU A 246 14.33 -29.96 20.40
CA LEU A 246 14.07 -30.03 21.85
C LEU A 246 15.29 -29.59 22.65
N LEU A 247 16.50 -29.93 22.17
CA LEU A 247 17.72 -29.43 22.78
C LEU A 247 17.84 -27.92 22.63
N ASP A 248 17.66 -27.43 21.40
CA ASP A 248 17.69 -26.00 21.14
C ASP A 248 16.74 -25.27 22.08
N ILE A 249 15.54 -25.81 22.30
CA ILE A 249 14.59 -25.16 23.22
C ILE A 249 15.13 -25.17 24.64
N LEU A 250 15.55 -26.34 25.14
CA LEU A 250 16.06 -26.37 26.50
C LEU A 250 17.34 -25.56 26.60
N SER A 251 18.25 -25.71 25.61
CA SER A 251 19.52 -25.00 25.63
C SER A 251 19.31 -23.49 25.60
N ALA A 252 18.49 -23.00 24.68
CA ALA A 252 18.24 -21.56 24.66
C ALA A 252 17.34 -21.13 25.82
N VAL A 253 16.83 -22.05 26.62
CA VAL A 253 16.13 -21.69 27.85
C VAL A 253 17.08 -21.69 29.05
N THR A 254 18.20 -22.44 28.98
CA THR A 254 19.16 -22.49 30.08
C THR A 254 20.60 -22.18 29.66
N GLY A 255 20.87 -22.00 28.37
CA GLY A 255 22.12 -21.46 27.87
C GLY A 255 23.38 -22.30 28.04
N GLN A 256 23.27 -23.63 27.98
CA GLN A 256 24.41 -24.50 28.28
C GLN A 256 24.99 -25.19 27.06
N SER A 257 24.15 -25.84 26.23
CA SER A 257 24.53 -26.60 25.04
C SER A 257 24.91 -28.04 25.38
N ILE A 258 26.15 -28.44 25.04
CA ILE A 258 26.63 -29.81 25.26
C ILE A 258 26.56 -30.27 26.73
N PRO A 259 26.59 -29.40 27.76
CA PRO A 259 26.24 -29.89 29.11
C PRO A 259 24.95 -30.71 29.16
N GLU A 260 23.94 -30.34 28.36
CA GLU A 260 22.78 -31.22 28.20
C GLU A 260 23.07 -32.38 27.25
N LEU A 261 23.91 -32.18 26.22
CA LEU A 261 24.30 -33.30 25.37
C LEU A 261 24.94 -34.42 26.18
N GLU A 262 25.54 -34.09 27.32
CA GLU A 262 26.14 -35.06 28.23
C GLU A 262 25.12 -35.72 29.16
N LYS A 263 23.83 -35.53 28.93
CA LYS A 263 22.81 -36.28 29.67
C LYS A 263 22.54 -37.63 28.98
N GLN A 264 23.59 -38.45 28.92
CA GLN A 264 23.53 -39.78 28.29
C GLN A 264 23.08 -40.84 29.29
N LYS A 268 20.06 -40.91 28.96
CA LYS A 268 18.65 -41.16 29.24
C LYS A 268 17.85 -41.26 27.95
N MET A 269 16.53 -41.40 28.07
CA MET A 269 15.66 -41.58 26.92
C MET A 269 14.91 -40.29 26.59
N TYR A 270 14.30 -40.29 25.41
CA TYR A 270 13.64 -39.10 24.91
C TYR A 270 12.54 -38.63 25.86
N GLY A 271 11.95 -39.56 26.62
CA GLY A 271 10.94 -39.19 27.60
C GLY A 271 11.51 -38.44 28.79
N HIS A 272 12.78 -38.67 29.12
CA HIS A 272 13.41 -37.89 30.18
C HIS A 272 13.63 -36.46 29.73
N LEU A 273 14.20 -36.27 28.53
CA LEU A 273 14.31 -34.94 27.94
C LEU A 273 12.94 -34.24 27.90
N LYS A 274 11.91 -34.95 27.45
CA LYS A 274 10.62 -34.31 27.26
C LYS A 274 10.01 -33.87 28.59
N GLY A 275 10.16 -34.68 29.64
CA GLY A 275 9.71 -34.26 30.96
C GLY A 275 10.46 -33.06 31.50
N GLU A 276 11.76 -32.96 31.20
CA GLU A 276 12.55 -31.83 31.68
C GLU A 276 12.20 -30.56 30.91
N VAL A 277 12.17 -30.63 29.58
CA VAL A 277 11.78 -29.48 28.77
C VAL A 277 10.45 -28.93 29.28
N ALA A 278 9.49 -29.83 29.51
CA ALA A 278 8.18 -29.41 29.99
C ALA A 278 8.26 -28.71 31.34
N ASP A 279 9.02 -29.26 32.28
CA ASP A 279 9.12 -28.62 33.59
C ASP A 279 9.84 -27.27 33.46
N ALA A 280 10.97 -27.24 32.75
CA ALA A 280 11.71 -26.00 32.56
C ALA A 280 10.86 -24.94 31.87
N VAL A 281 10.25 -25.29 30.73
CA VAL A 281 9.44 -24.33 29.98
C VAL A 281 8.35 -23.75 30.88
N SER A 282 7.69 -24.60 31.67
CA SER A 282 6.57 -24.14 32.49
C SER A 282 7.02 -23.26 33.64
N GLY A 283 8.23 -23.47 34.16
CA GLY A 283 8.72 -22.61 35.22
C GLY A 283 8.88 -21.18 34.76
N MET A 284 9.46 -21.01 33.56
CA MET A 284 9.50 -19.71 32.90
C MET A 284 8.10 -19.10 32.75
N LEU A 285 7.17 -19.84 32.17
CA LEU A 285 5.88 -19.25 31.83
C LEU A 285 5.16 -18.72 33.07
N THR A 286 5.20 -19.47 34.19
CA THR A 286 4.43 -19.07 35.37
C THR A 286 4.76 -17.66 35.85
N GLU A 287 6.05 -17.27 35.80
CA GLU A 287 6.41 -15.91 36.16
C GLU A 287 5.84 -14.90 35.17
N LEU A 288 6.09 -15.15 33.88
CA LEU A 288 5.48 -14.40 32.79
C LEU A 288 3.98 -14.35 32.94
N GLN A 289 3.37 -15.51 33.20
CA GLN A 289 1.91 -15.61 33.22
C GLN A 289 1.32 -14.80 34.37
N GLU A 290 2.03 -14.73 35.50
CA GLU A 290 1.53 -13.94 36.66
C GLU A 290 1.45 -12.45 36.26
N ARG A 291 2.50 -11.94 35.65
CA ARG A 291 2.48 -10.55 35.22
C ARG A 291 1.44 -10.32 34.13
N TYR A 292 1.29 -11.28 33.20
CA TYR A 292 0.31 -11.17 32.13
C TYR A 292 -1.10 -11.04 32.68
N HIS A 293 -1.50 -11.97 33.55
CA HIS A 293 -2.87 -11.94 34.05
C HIS A 293 -3.15 -10.67 34.84
N ARG A 294 -2.12 -10.01 35.38
CA ARG A 294 -2.27 -8.69 35.97
C ARG A 294 -2.40 -7.61 34.89
N PHE A 295 -1.47 -7.56 33.94
CA PHE A 295 -1.51 -6.52 32.92
C PHE A 295 -2.76 -6.63 32.06
N ARG A 296 -3.09 -7.85 31.62
CA ARG A 296 -4.16 -8.05 30.64
C ARG A 296 -5.50 -7.57 31.17
N ASN A 297 -5.69 -7.61 32.48
CA ASN A 297 -6.96 -7.27 33.08
C ASN A 297 -6.96 -5.86 33.67
N ASP A 298 -5.93 -5.05 33.38
CA ASP A 298 -5.92 -3.62 33.68
C ASP A 298 -6.11 -2.87 32.37
N GLU A 299 -7.38 -2.69 31.98
CA GLU A 299 -7.65 -2.02 30.69
C GLU A 299 -7.20 -0.57 30.69
N ALA A 300 -7.30 0.14 31.82
CA ALA A 300 -6.84 1.52 31.85
C ALA A 300 -5.33 1.59 31.62
N PHE A 301 -4.60 0.60 32.11
CA PHE A 301 -3.15 0.63 31.92
C PHE A 301 -2.82 0.33 30.46
N LEU A 302 -3.50 -0.65 29.87
CA LEU A 302 -3.26 -0.97 28.47
C LEU A 302 -3.59 0.22 27.58
N GLN A 303 -4.67 0.94 27.88
CA GLN A 303 -5.03 2.09 27.05
C GLN A 303 -4.00 3.22 27.21
N GLN A 304 -3.52 3.45 28.44
CA GLN A 304 -2.48 4.46 28.64
C GLN A 304 -1.20 4.12 27.90
N VAL A 305 -0.78 2.86 27.93
CA VAL A 305 0.44 2.47 27.22
C VAL A 305 0.30 2.68 25.72
N MET A 306 -0.86 2.32 25.15
CA MET A 306 -1.07 2.56 23.71
C MET A 306 -1.10 4.04 23.37
N LYS A 307 -1.79 4.84 24.19
CA LYS A 307 -1.88 6.26 23.96
C LYS A 307 -0.51 6.93 24.03
N ASP A 308 0.23 6.68 25.12
CA ASP A 308 1.56 7.29 25.27
C ASP A 308 2.51 6.79 24.19
N GLY A 309 2.43 5.50 23.86
CA GLY A 309 3.35 4.95 22.89
C GLY A 309 3.11 5.48 21.48
N ALA A 310 1.84 5.65 21.10
CA ALA A 310 1.55 6.16 19.77
C ALA A 310 1.96 7.62 19.65
N GLU A 311 1.83 8.39 20.75
CA GLU A 311 2.26 9.78 20.75
C GLU A 311 3.77 9.89 20.59
N LYS A 312 4.52 9.02 21.26
CA LYS A 312 5.98 9.04 21.12
C LYS A 312 6.39 8.64 19.72
N ALA A 313 5.79 7.57 19.20
CA ALA A 313 6.11 7.11 17.84
C ALA A 313 5.70 8.16 16.81
N SER A 314 4.54 8.77 16.97
CA SER A 314 4.09 9.77 16.00
C SER A 314 5.12 10.88 15.85
N ALA A 315 5.70 11.34 16.96
CA ALA A 315 6.65 12.44 16.87
C ALA A 315 7.83 12.07 15.99
N HIS A 316 8.36 10.86 16.15
CA HIS A 316 9.49 10.43 15.34
C HIS A 316 9.05 10.13 13.91
N ALA A 317 7.94 9.40 13.76
CA ALA A 317 7.50 8.98 12.44
C ALA A 317 7.14 10.19 11.58
N SER A 318 6.47 11.19 12.17
CA SER A 318 6.10 12.36 11.37
C SER A 318 7.36 13.07 10.87
N ARG A 319 8.39 13.14 11.71
CA ARG A 319 9.62 13.80 11.29
C ARG A 319 10.21 13.11 10.06
N THR A 320 10.36 11.79 10.09
CA THR A 320 10.90 11.10 8.92
C THR A 320 9.98 11.25 7.71
N LEU A 321 8.66 11.12 7.90
CA LEU A 321 7.76 11.17 6.74
C LEU A 321 7.77 12.55 6.07
N LYS A 322 7.82 13.62 6.86
CA LYS A 322 7.90 14.96 6.24
C LYS A 322 9.15 14.98 5.34
N ALA A 323 10.26 14.48 5.88
CA ALA A 323 11.50 14.52 5.12
C ALA A 323 11.38 13.72 3.83
N VAL A 324 10.69 12.57 3.88
CA VAL A 324 10.50 11.74 2.70
C VAL A 324 9.65 12.48 1.68
N TYR A 325 8.52 13.03 2.13
CA TYR A 325 7.62 13.75 1.22
C TYR A 325 8.32 14.95 0.59
N GLU A 326 9.11 15.67 1.40
CA GLU A 326 9.87 16.79 0.87
C GLU A 326 10.86 16.34 -0.20
N ALA A 327 11.61 15.27 0.08
CA ALA A 327 12.57 14.75 -0.88
C ALA A 327 11.90 14.32 -2.19
N ILE A 328 10.77 13.63 -2.10
CA ILE A 328 10.11 13.06 -3.29
C ILE A 328 9.57 14.16 -4.19
N GLY A 329 9.18 15.30 -3.63
CA GLY A 329 8.59 16.38 -4.40
C GLY A 329 7.14 16.67 -4.12
N PHE A 330 6.57 16.14 -3.04
CA PHE A 330 5.19 16.45 -2.72
C PHE A 330 5.08 17.88 -2.21
N VAL A 331 3.97 18.54 -2.57
CA VAL A 331 3.62 19.79 -1.93
C VAL A 331 3.28 19.50 -0.48
N ALA A 332 3.92 20.24 0.39
CA ALA A 332 3.67 20.09 1.83
C ALA A 332 2.20 20.35 2.20
N LYS A 333 1.71 19.60 3.17
CA LYS A 333 0.33 19.78 3.65
C LYS A 333 0.23 21.18 4.28
N PRO A 334 -0.74 22.00 3.86
CA PRO A 334 -0.94 23.37 4.43
C PRO A 334 -1.25 23.24 5.92
N HIS A 335 -0.65 24.11 6.72
CA HIS A 335 -0.82 24.02 8.17
C HIS A 335 -1.90 24.98 8.65
N THR B 2 -30.31 15.15 -0.87
CA THR B 2 -28.95 14.63 -0.73
C THR B 2 -28.44 14.11 -2.08
N LYS B 3 -27.38 14.75 -2.58
CA LYS B 3 -26.89 14.47 -3.93
C LYS B 3 -26.03 13.20 -3.94
N PRO B 4 -25.98 12.49 -5.07
CA PRO B 4 -25.01 11.40 -5.18
C PRO B 4 -23.61 11.99 -5.16
N ILE B 5 -22.64 11.15 -4.80
CA ILE B 5 -21.27 11.60 -4.59
C ILE B 5 -20.41 11.20 -5.77
N VAL B 6 -19.60 12.15 -6.25
CA VAL B 6 -18.70 11.95 -7.38
C VAL B 6 -17.28 12.12 -6.87
N PHE B 7 -16.38 11.21 -7.26
CA PHE B 7 -14.95 11.34 -6.98
C PHE B 7 -14.19 11.04 -8.27
N SER B 8 -13.11 11.79 -8.51
CA SER B 8 -12.22 11.42 -9.59
C SER B 8 -10.87 12.08 -9.36
N GLY B 9 -9.82 11.49 -9.93
CA GLY B 9 -8.48 12.03 -9.76
C GLY B 9 -7.76 12.16 -11.08
N ALA B 10 -6.69 12.95 -11.08
CA ALA B 10 -5.72 12.95 -12.17
C ALA B 10 -4.33 13.11 -11.57
N GLN B 11 -3.35 12.47 -12.21
CA GLN B 11 -1.96 12.50 -11.73
C GLN B 11 -1.29 13.81 -12.12
N PRO B 12 -0.48 14.41 -11.23
CA PRO B 12 0.39 15.54 -11.66
C PRO B 12 1.61 15.03 -12.42
N SER B 13 1.37 14.63 -13.67
CA SER B 13 2.40 13.99 -14.49
C SER B 13 2.63 14.73 -15.80
N GLY B 14 2.27 16.00 -15.89
CA GLY B 14 2.44 16.76 -17.12
C GLY B 14 1.24 17.65 -17.38
N GLU B 15 1.27 18.44 -18.45
CA GLU B 15 0.14 19.30 -18.76
C GLU B 15 -1.05 18.44 -19.17
N LEU B 16 -2.21 18.67 -18.55
CA LEU B 16 -3.41 17.93 -18.96
C LEU B 16 -3.63 18.13 -20.46
N THR B 17 -4.12 17.09 -21.12
CA THR B 17 -4.33 17.09 -22.56
C THR B 17 -5.81 17.16 -22.90
N ILE B 18 -6.09 17.37 -24.19
CA ILE B 18 -7.47 17.31 -24.65
C ILE B 18 -8.06 15.93 -24.44
N GLY B 19 -7.23 14.88 -24.40
CA GLY B 19 -7.71 13.59 -23.95
C GLY B 19 -8.18 13.62 -22.50
N ASN B 20 -7.38 14.21 -21.60
CA ASN B 20 -7.84 14.31 -20.21
C ASN B 20 -9.12 15.13 -20.10
N TYR B 21 -9.22 16.21 -20.89
CA TYR B 21 -10.41 17.06 -20.81
C TYR B 21 -11.65 16.32 -21.31
N MET B 22 -11.59 15.75 -22.51
CA MET B 22 -12.77 15.11 -23.10
C MET B 22 -13.15 13.83 -22.35
N GLY B 23 -12.15 13.06 -21.94
CA GLY B 23 -12.46 11.83 -21.22
C GLY B 23 -12.94 12.07 -19.80
N ALA B 24 -12.40 13.07 -19.13
CA ALA B 24 -12.74 13.23 -17.71
C ALA B 24 -13.13 14.65 -17.26
N LEU B 25 -12.21 15.61 -17.46
CA LEU B 25 -12.35 16.92 -16.84
C LEU B 25 -13.63 17.64 -17.28
N ARG B 26 -14.01 17.51 -18.55
CA ARG B 26 -15.25 18.18 -18.96
C ARG B 26 -16.45 17.68 -18.15
N GLN B 27 -16.51 16.36 -17.93
CA GLN B 27 -17.59 15.80 -17.13
C GLN B 27 -17.48 16.26 -15.68
N TRP B 28 -16.25 16.32 -15.16
CA TRP B 28 -16.03 16.77 -13.79
C TRP B 28 -16.71 18.11 -13.58
N VAL B 29 -16.43 19.05 -14.49
CA VAL B 29 -17.02 20.39 -14.39
C VAL B 29 -18.53 20.32 -14.46
N ASN B 30 -19.05 19.51 -15.38
CA ASN B 30 -20.48 19.52 -15.63
C ASN B 30 -21.27 18.85 -14.51
N MET B 31 -20.65 17.97 -13.70
CA MET B 31 -21.36 17.30 -12.62
C MET B 31 -21.41 18.08 -11.32
N GLN B 32 -20.87 19.30 -11.29
CA GLN B 32 -20.70 20.01 -10.03
C GLN B 32 -22.03 20.47 -9.43
N ASP B 33 -23.04 20.75 -10.27
CA ASP B 33 -24.32 21.24 -9.73
C ASP B 33 -25.21 20.14 -9.19
N ASP B 34 -25.21 18.96 -9.82
CA ASP B 34 -26.13 17.90 -9.46
C ASP B 34 -25.50 16.79 -8.65
N TYR B 35 -24.19 16.85 -8.41
CA TYR B 35 -23.50 15.86 -7.61
C TYR B 35 -22.65 16.58 -6.57
N HIS B 36 -22.39 15.90 -5.46
CA HIS B 36 -21.42 16.38 -4.47
C HIS B 36 -20.07 15.86 -4.94
N CYS B 37 -19.26 16.76 -5.50
CA CYS B 37 -18.08 16.39 -6.27
C CYS B 37 -16.81 16.56 -5.47
N ILE B 38 -15.90 15.60 -5.61
CA ILE B 38 -14.63 15.64 -4.91
C ILE B 38 -13.57 15.28 -5.93
N TYR B 39 -12.59 16.16 -6.12
CA TYR B 39 -11.59 15.98 -7.16
C TYR B 39 -10.20 16.07 -6.57
N CYS B 40 -9.32 15.21 -7.05
CA CYS B 40 -8.07 14.97 -6.35
C CYS B 40 -6.91 15.05 -7.33
N ILE B 41 -5.80 15.63 -6.86
CA ILE B 41 -4.53 15.58 -7.58
C ILE B 41 -3.74 14.45 -6.92
N VAL B 42 -3.57 13.34 -7.65
CA VAL B 42 -3.13 12.09 -7.00
C VAL B 42 -1.62 12.00 -7.15
N ASP B 43 -0.91 12.72 -6.27
CA ASP B 43 0.55 12.74 -6.34
C ASP B 43 1.18 11.42 -5.88
N GLN B 44 0.49 10.68 -5.00
CA GLN B 44 1.00 9.36 -4.62
C GLN B 44 0.93 8.37 -5.77
N HIS B 45 -0.05 8.50 -6.65
CA HIS B 45 -0.08 7.66 -7.84
C HIS B 45 0.99 8.07 -8.82
N ALA B 46 1.21 9.40 -8.94
CA ALA B 46 2.18 9.93 -9.89
C ALA B 46 3.56 9.30 -9.71
N ILE B 47 3.96 9.03 -8.45
CA ILE B 47 5.33 8.58 -8.23
C ILE B 47 5.52 7.11 -8.53
N THR B 48 4.48 6.40 -8.99
CA THR B 48 4.68 5.04 -9.49
C THR B 48 5.49 5.05 -10.76
N VAL B 49 5.62 6.21 -11.40
CA VAL B 49 6.60 6.43 -12.46
C VAL B 49 7.58 7.45 -11.94
N ARG B 50 8.87 7.21 -12.15
CA ARG B 50 9.89 8.05 -11.55
C ARG B 50 9.72 9.50 -12.00
N GLN B 51 9.66 10.40 -11.03
CA GLN B 51 9.49 11.83 -11.28
C GLN B 51 10.70 12.56 -10.71
N ASP B 52 11.16 13.57 -11.42
CA ASP B 52 12.11 14.49 -10.81
C ASP B 52 11.35 15.30 -9.76
N ALA B 53 11.95 15.49 -8.59
CA ALA B 53 11.22 16.04 -7.45
C ALA B 53 10.74 17.45 -7.72
N GLN B 54 11.58 18.27 -8.34
CA GLN B 54 11.20 19.65 -8.61
C GLN B 54 10.05 19.70 -9.62
N LYS B 55 10.07 18.81 -10.62
CA LYS B 55 8.99 18.79 -11.60
C LYS B 55 7.67 18.34 -10.98
N LEU B 56 7.73 17.38 -10.07
CA LEU B 56 6.51 16.89 -9.41
C LEU B 56 5.85 17.99 -8.59
N ARG B 57 6.63 18.71 -7.79
CA ARG B 57 6.07 19.82 -7.01
C ARG B 57 5.43 20.86 -7.91
N LYS B 58 6.14 21.26 -8.97
CA LYS B 58 5.58 22.20 -9.93
C LYS B 58 4.33 21.62 -10.60
N ALA B 59 4.39 20.35 -11.01
CA ALA B 59 3.26 19.75 -11.72
C ALA B 59 2.02 19.62 -10.84
N THR B 60 2.22 19.48 -9.52
CA THR B 60 1.07 19.42 -8.63
C THR B 60 0.29 20.73 -8.65
N LEU B 61 1.00 21.86 -8.58
CA LEU B 61 0.34 23.15 -8.66
C LEU B 61 -0.13 23.47 -10.09
N ASP B 62 0.64 23.06 -11.12
CA ASP B 62 0.16 23.21 -12.50
C ASP B 62 -1.20 22.53 -12.68
N THR B 63 -1.31 21.29 -12.22
CA THR B 63 -2.54 20.51 -12.33
C THR B 63 -3.68 21.17 -11.58
N LEU B 64 -3.41 21.64 -10.35
CA LEU B 64 -4.44 22.32 -9.58
C LEU B 64 -4.93 23.57 -10.29
N ALA B 65 -4.00 24.42 -10.76
CA ALA B 65 -4.39 25.63 -11.48
C ALA B 65 -5.17 25.32 -12.75
N LEU B 66 -4.86 24.21 -13.41
CA LEU B 66 -5.59 23.87 -14.62
C LEU B 66 -6.97 23.31 -14.32
N TYR B 67 -7.14 22.60 -13.19
CA TYR B 67 -8.48 22.24 -12.71
C TYR B 67 -9.34 23.49 -12.59
N LEU B 68 -8.80 24.48 -11.88
CA LEU B 68 -9.53 25.71 -11.59
C LEU B 68 -9.81 26.48 -12.87
N ALA B 69 -8.83 26.53 -13.78
CA ALA B 69 -8.99 27.24 -15.04
C ALA B 69 -10.07 26.60 -15.90
N CYS B 70 -10.17 25.27 -15.88
CA CYS B 70 -11.22 24.52 -16.57
C CYS B 70 -12.62 24.72 -16.00
N GLY B 71 -12.75 25.28 -14.80
CA GLY B 71 -14.06 25.46 -14.20
C GLY B 71 -14.35 24.61 -12.98
N ILE B 72 -13.41 23.80 -12.51
CA ILE B 72 -13.60 23.17 -11.20
C ILE B 72 -13.65 24.26 -10.15
N ASP B 73 -14.76 24.31 -9.41
CA ASP B 73 -15.14 25.46 -8.59
C ASP B 73 -14.98 25.08 -7.13
N PRO B 74 -14.06 25.69 -6.38
CA PRO B 74 -13.87 25.29 -4.98
C PRO B 74 -15.03 25.71 -4.08
N GLU B 75 -15.92 26.59 -4.56
CA GLU B 75 -17.18 26.85 -3.88
C GLU B 75 -18.11 25.64 -3.98
N LYS B 76 -18.07 24.92 -5.09
CA LYS B 76 -18.96 23.79 -5.32
C LYS B 76 -18.34 22.43 -5.07
N SER B 77 -17.04 22.29 -5.29
CA SER B 77 -16.38 20.99 -5.25
C SER B 77 -15.30 20.99 -4.18
N THR B 78 -15.00 19.80 -3.66
CA THR B 78 -13.85 19.62 -2.79
C THR B 78 -12.65 19.27 -3.68
N ILE B 79 -11.57 20.06 -3.56
CA ILE B 79 -10.36 19.89 -4.39
C ILE B 79 -9.18 19.74 -3.46
N PHE B 80 -8.40 18.68 -3.62
CA PHE B 80 -7.31 18.46 -2.68
C PHE B 80 -6.21 17.62 -3.31
N VAL B 81 -5.05 17.67 -2.69
CA VAL B 81 -3.92 16.83 -3.09
C VAL B 81 -3.95 15.56 -2.25
N GLN B 82 -3.90 14.42 -2.93
CA GLN B 82 -3.98 13.10 -2.29
C GLN B 82 -3.07 12.95 -1.07
N SER B 83 -1.80 13.34 -1.18
CA SER B 83 -0.88 13.05 -0.07
C SER B 83 -1.22 13.84 1.17
N HIS B 84 -2.02 14.90 1.04
CA HIS B 84 -2.42 15.70 2.19
C HIS B 84 -3.43 14.99 3.09
N VAL B 85 -4.01 13.89 2.63
CA VAL B 85 -5.04 13.19 3.39
C VAL B 85 -4.54 11.78 3.68
N PRO B 86 -3.99 11.55 4.88
CA PRO B 86 -3.34 10.27 5.19
C PRO B 86 -4.27 9.07 5.06
N GLU B 87 -5.58 9.25 5.19
CA GLU B 87 -6.54 8.16 5.10
C GLU B 87 -6.44 7.40 3.78
N HIS B 88 -5.95 8.05 2.72
CA HIS B 88 -5.84 7.39 1.43
C HIS B 88 -4.83 6.24 1.50
N ALA B 89 -3.62 6.51 2.00
CA ALA B 89 -2.63 5.45 2.14
C ALA B 89 -3.08 4.41 3.15
N GLN B 90 -3.78 4.84 4.21
CA GLN B 90 -4.23 3.92 5.26
C GLN B 90 -5.25 2.93 4.69
N LEU B 91 -6.28 3.44 4.02
CA LEU B 91 -7.23 2.52 3.40
C LEU B 91 -6.57 1.76 2.25
N GLY B 92 -5.63 2.39 1.55
CA GLY B 92 -4.89 1.69 0.50
C GLY B 92 -4.24 0.41 1.00
N TRP B 93 -3.58 0.47 2.17
CA TRP B 93 -3.01 -0.73 2.75
C TRP B 93 -4.10 -1.75 3.09
N ALA B 94 -5.18 -1.28 3.72
CA ALA B 94 -6.23 -2.20 4.17
C ALA B 94 -6.85 -2.94 3.00
N LEU B 95 -7.14 -2.23 1.92
CA LEU B 95 -7.73 -2.87 0.75
C LEU B 95 -6.77 -3.80 0.04
N ASN B 96 -5.44 -3.62 0.21
CA ASN B 96 -4.49 -4.59 -0.31
C ASN B 96 -4.80 -6.00 0.19
N CYS B 97 -5.23 -6.10 1.44
CA CYS B 97 -5.45 -7.40 2.06
C CYS B 97 -6.74 -8.05 1.55
N TYR B 98 -7.54 -7.33 0.76
CA TYR B 98 -8.76 -7.87 0.17
C TYR B 98 -8.71 -7.86 -1.34
N THR B 99 -7.54 -7.63 -1.93
CA THR B 99 -7.33 -7.66 -3.37
C THR B 99 -6.45 -8.84 -3.73
N TYR B 100 -6.88 -9.64 -4.71
CA TYR B 100 -6.08 -10.81 -5.12
C TYR B 100 -4.88 -10.37 -5.96
N PHE B 101 -3.75 -11.03 -5.71
CA PHE B 101 -2.57 -10.85 -6.54
C PHE B 101 -2.90 -11.08 -8.00
N GLY B 102 -3.74 -12.08 -8.30
CA GLY B 102 -4.07 -12.38 -9.68
C GLY B 102 -4.82 -11.26 -10.38
N GLU B 103 -5.73 -10.60 -9.65
CA GLU B 103 -6.48 -9.48 -10.22
C GLU B 103 -5.54 -8.38 -10.67
N LEU B 104 -4.55 -8.05 -9.84
CA LEU B 104 -3.61 -7.00 -10.15
C LEU B 104 -2.71 -7.39 -11.32
N SER B 105 -2.29 -8.65 -11.40
CA SER B 105 -1.39 -9.01 -12.49
C SER B 105 -2.09 -9.03 -13.84
N ARG B 106 -3.42 -9.02 -13.87
CA ARG B 106 -4.22 -9.05 -15.09
C ARG B 106 -4.59 -7.66 -15.59
N MET B 107 -4.27 -6.60 -14.84
CA MET B 107 -4.52 -5.25 -15.32
C MET B 107 -3.71 -4.88 -16.54
N THR B 108 -4.42 -4.35 -17.54
CA THR B 108 -3.82 -3.88 -18.78
C THR B 108 -2.85 -2.73 -18.53
N GLN B 109 -3.19 -1.81 -17.63
CA GLN B 109 -2.28 -0.69 -17.38
C GLN B 109 -0.95 -1.18 -16.85
N PHE B 110 -0.97 -2.07 -15.84
CA PHE B 110 0.29 -2.58 -15.30
C PHE B 110 1.14 -3.19 -16.40
N LYS B 111 0.52 -4.02 -17.24
CA LYS B 111 1.21 -4.62 -18.37
C LYS B 111 1.77 -3.56 -19.32
N ASP B 112 0.94 -2.60 -19.72
CA ASP B 112 1.38 -1.60 -20.69
C ASP B 112 2.48 -0.71 -20.13
N LYS B 113 2.33 -0.24 -18.88
CA LYS B 113 3.35 0.59 -18.26
C LYS B 113 4.62 -0.19 -17.95
N SER B 114 4.48 -1.46 -17.60
CA SER B 114 5.67 -2.31 -17.42
C SER B 114 6.49 -2.38 -18.69
N ALA B 115 5.81 -2.42 -19.85
CA ALA B 115 6.51 -2.40 -21.12
C ALA B 115 7.22 -1.07 -21.35
N ARG B 116 6.61 0.03 -20.92
CA ARG B 116 7.20 1.35 -21.14
C ARG B 116 8.32 1.69 -20.17
N TYR B 117 8.25 1.18 -18.97
CA TYR B 117 9.18 1.45 -17.88
C TYR B 117 9.75 0.14 -17.35
N ALA B 118 10.31 -0.69 -18.26
CA ALA B 118 10.79 -2.02 -17.91
C ALA B 118 11.89 -1.98 -16.85
N GLU B 119 12.60 -0.86 -16.72
CA GLU B 119 13.63 -0.66 -15.71
C GLU B 119 13.07 -0.20 -14.37
N ASN B 120 11.76 0.06 -14.27
CA ASN B 120 11.19 0.49 -13.01
C ASN B 120 9.82 -0.16 -12.79
N ILE B 121 9.78 -1.48 -12.89
CA ILE B 121 8.54 -2.18 -12.58
C ILE B 121 8.48 -2.34 -11.07
N ASN B 122 7.83 -1.40 -10.42
CA ASN B 122 7.84 -1.28 -8.97
C ASN B 122 6.50 -1.72 -8.41
N ALA B 123 6.48 -1.91 -7.09
CA ALA B 123 5.28 -2.41 -6.43
C ALA B 123 4.17 -1.37 -6.41
N GLY B 124 4.50 -0.09 -6.47
CA GLY B 124 3.48 0.94 -6.58
C GLY B 124 2.71 0.85 -7.89
N LEU B 125 3.42 0.65 -9.01
CA LEU B 125 2.75 0.47 -10.30
C LEU B 125 1.81 -0.72 -10.27
N PHE B 126 2.24 -1.83 -9.67
CA PHE B 126 1.39 -3.01 -9.55
C PHE B 126 0.17 -2.75 -8.67
N ASP B 127 0.40 -2.02 -7.58
N ASP B 127 0.37 -2.09 -7.52
CA ASP B 127 -0.69 -1.81 -6.59
CA ASP B 127 -0.72 -1.84 -6.59
C ASP B 127 -1.53 -0.57 -6.92
C ASP B 127 -1.53 -0.61 -6.93
N TYR B 128 -1.20 0.08 -8.02
CA TYR B 128 -1.94 1.26 -8.46
C TYR B 128 -3.46 1.17 -8.29
N PRO B 129 -4.15 0.14 -8.79
CA PRO B 129 -5.63 0.12 -8.69
C PRO B 129 -6.14 0.03 -7.26
N VAL B 130 -5.35 -0.47 -6.31
CA VAL B 130 -5.83 -0.57 -4.93
C VAL B 130 -5.91 0.80 -4.29
N LEU B 131 -4.87 1.63 -4.48
CA LEU B 131 -4.91 2.99 -3.95
C LEU B 131 -6.03 3.78 -4.60
N MET B 132 -6.28 3.51 -5.88
CA MET B 132 -7.37 4.11 -6.60
C MET B 132 -8.70 3.75 -5.93
N ALA B 133 -8.88 2.47 -5.60
CA ALA B 133 -10.08 2.03 -4.92
C ALA B 133 -10.20 2.68 -3.55
N ALA B 134 -9.08 2.81 -2.84
CA ALA B 134 -9.08 3.55 -1.58
C ALA B 134 -9.51 4.99 -1.78
N ASP B 135 -8.91 5.70 -2.75
CA ASP B 135 -9.33 7.09 -2.98
C ASP B 135 -10.84 7.19 -3.15
N ILE B 136 -11.42 6.28 -3.92
CA ILE B 136 -12.84 6.34 -4.28
C ILE B 136 -13.71 5.94 -3.10
N LEU B 137 -13.37 4.82 -2.46
CA LEU B 137 -14.25 4.22 -1.46
C LEU B 137 -14.30 5.04 -0.18
N LEU B 138 -13.25 5.83 0.10
CA LEU B 138 -13.21 6.68 1.28
C LEU B 138 -14.39 7.65 1.36
N TYR B 139 -14.93 8.08 0.22
CA TYR B 139 -15.89 9.17 0.17
C TYR B 139 -17.31 8.69 -0.07
N GLN B 140 -17.58 7.39 0.11
CA GLN B 140 -18.91 6.85 -0.14
C GLN B 140 -19.37 7.21 -1.56
N THR B 141 -18.45 7.08 -2.51
CA THR B 141 -18.66 7.57 -3.87
C THR B 141 -19.66 6.71 -4.62
N ASN B 142 -20.56 7.36 -5.35
CA ASN B 142 -21.50 6.69 -6.25
C ASN B 142 -21.01 6.64 -7.70
N LEU B 143 -20.37 7.70 -8.19
CA LEU B 143 -20.06 7.87 -9.60
C LEU B 143 -18.64 8.37 -9.80
N VAL B 144 -17.92 7.77 -10.72
CA VAL B 144 -16.50 8.06 -10.96
C VAL B 144 -16.32 8.39 -12.44
N PRO B 145 -16.25 9.68 -12.80
CA PRO B 145 -16.05 10.05 -14.21
C PRO B 145 -14.60 9.89 -14.63
N VAL B 146 -14.36 8.96 -15.57
CA VAL B 146 -13.05 8.61 -16.08
C VAL B 146 -13.16 8.40 -17.59
N GLY B 147 -12.02 8.38 -18.25
CA GLY B 147 -11.97 7.88 -19.61
C GLY B 147 -11.98 6.35 -19.67
N GLU B 148 -12.05 5.84 -20.90
CA GLU B 148 -12.23 4.40 -21.11
C GLU B 148 -11.05 3.59 -20.56
N ASP B 149 -9.84 4.15 -20.57
CA ASP B 149 -8.69 3.34 -20.19
C ASP B 149 -8.77 2.87 -18.73
N GLN B 150 -9.55 3.56 -17.90
CA GLN B 150 -9.68 3.23 -16.50
C GLN B 150 -10.89 2.33 -16.23
N LYS B 151 -11.54 1.82 -17.27
CA LYS B 151 -12.73 1.01 -17.04
C LYS B 151 -12.40 -0.23 -16.22
N GLN B 152 -11.32 -0.93 -16.59
CA GLN B 152 -10.93 -2.13 -15.85
C GLN B 152 -10.61 -1.81 -14.40
N HIS B 153 -9.90 -0.71 -14.16
CA HIS B 153 -9.55 -0.33 -12.79
C HIS B 153 -10.79 -0.07 -11.96
N LEU B 154 -11.80 0.60 -12.55
CA LEU B 154 -13.05 0.83 -11.83
C LEU B 154 -13.81 -0.46 -11.56
N GLU B 155 -13.72 -1.43 -12.47
CA GLU B 155 -14.35 -2.72 -12.18
C GLU B 155 -13.72 -3.37 -10.95
N LEU B 156 -12.41 -3.24 -10.80
CA LEU B 156 -11.77 -3.73 -9.59
C LEU B 156 -12.29 -3.01 -8.35
N SER B 157 -12.44 -1.69 -8.42
CA SER B 157 -12.97 -0.94 -7.29
C SER B 157 -14.35 -1.45 -6.90
N ARG B 158 -15.20 -1.72 -7.89
CA ARG B 158 -16.51 -2.30 -7.60
C ARG B 158 -16.36 -3.67 -6.93
N ASP B 159 -15.44 -4.49 -7.44
CA ASP B 159 -15.26 -5.83 -6.87
C ASP B 159 -14.70 -5.77 -5.45
N ILE B 160 -13.77 -4.84 -5.18
CA ILE B 160 -13.22 -4.72 -3.83
C ILE B 160 -14.31 -4.27 -2.87
N ALA B 161 -15.13 -3.28 -3.26
CA ALA B 161 -16.17 -2.81 -2.37
C ALA B 161 -17.18 -3.90 -2.05
N GLN B 162 -17.60 -4.65 -3.09
CA GLN B 162 -18.54 -5.74 -2.88
C GLN B 162 -17.94 -6.83 -2.00
N ARG B 163 -16.67 -7.19 -2.27
CA ARG B 163 -15.98 -8.24 -1.49
C ARG B 163 -15.92 -7.82 -0.01
N PHE B 164 -15.54 -6.57 0.23
CA PHE B 164 -15.41 -6.10 1.61
C PHE B 164 -16.76 -6.08 2.29
N ASN B 165 -17.78 -5.52 1.62
CA ASN B 165 -19.12 -5.46 2.20
C ASN B 165 -19.67 -6.85 2.49
N ALA B 166 -19.35 -7.83 1.65
CA ALA B 166 -19.84 -9.19 1.88
C ALA B 166 -19.26 -9.77 3.16
N LEU B 167 -18.06 -9.34 3.55
CA LEU B 167 -17.46 -9.84 4.79
C LEU B 167 -17.96 -9.07 6.00
N TYR B 168 -18.16 -7.76 5.87
CA TYR B 168 -18.25 -6.88 7.03
C TYR B 168 -19.55 -6.07 7.15
N GLY B 169 -20.46 -6.18 6.19
CA GLY B 169 -21.61 -5.30 6.15
C GLY B 169 -21.38 -4.14 5.21
N GLU B 170 -22.37 -3.25 5.14
CA GLU B 170 -22.44 -2.19 4.13
C GLU B 170 -21.53 -1.01 4.53
N ILE B 171 -20.23 -1.26 4.50
CA ILE B 171 -19.25 -0.21 4.82
C ILE B 171 -19.07 0.77 3.67
N PHE B 172 -19.05 0.27 2.44
CA PHE B 172 -18.75 1.03 1.25
C PHE B 172 -19.96 1.16 0.33
N LYS B 173 -20.05 2.29 -0.36
CA LYS B 173 -20.87 2.38 -1.57
C LYS B 173 -20.15 1.68 -2.70
N VAL B 174 -20.90 1.02 -3.58
CA VAL B 174 -20.34 0.36 -4.75
C VAL B 174 -20.31 1.39 -5.87
N PRO B 175 -19.13 1.85 -6.31
CA PRO B 175 -19.06 2.97 -7.25
C PRO B 175 -19.34 2.50 -8.66
N GLU B 176 -19.79 3.43 -9.49
CA GLU B 176 -20.09 3.20 -10.89
C GLU B 176 -19.20 4.09 -11.74
N PRO B 177 -18.71 3.60 -12.89
CA PRO B 177 -17.99 4.48 -13.79
C PRO B 177 -18.96 5.41 -14.49
N PHE B 178 -18.48 6.59 -14.86
CA PHE B 178 -19.13 7.41 -15.88
C PHE B 178 -18.10 7.65 -16.97
N ILE B 179 -18.32 7.07 -18.13
CA ILE B 179 -17.41 7.16 -19.27
C ILE B 179 -18.17 7.76 -20.44
N PRO B 180 -17.71 8.87 -21.03
CA PRO B 180 -18.49 9.54 -22.08
C PRO B 180 -18.60 8.70 -23.36
N LYS B 181 -19.67 8.99 -24.13
CA LYS B 181 -19.91 8.25 -25.35
C LYS B 181 -18.99 8.68 -26.49
N SER B 182 -18.34 9.84 -26.37
CA SER B 182 -17.35 10.28 -27.34
C SER B 182 -16.18 10.93 -26.62
N GLY B 183 -14.98 10.78 -27.18
CA GLY B 183 -13.81 11.35 -26.53
C GLY B 183 -13.37 10.61 -25.28
N ALA B 184 -13.84 9.38 -25.08
CA ALA B 184 -13.45 8.60 -23.90
C ALA B 184 -12.03 8.07 -24.01
N ARG B 185 -11.51 7.88 -25.22
CA ARG B 185 -10.13 7.49 -25.44
C ARG B 185 -9.58 8.21 -26.67
N VAL B 186 -9.16 9.46 -26.49
CA VAL B 186 -8.55 10.21 -27.57
C VAL B 186 -7.19 9.62 -27.86
N MET B 187 -6.84 9.48 -29.14
CA MET B 187 -5.68 8.69 -29.48
C MET B 187 -4.52 9.62 -29.84
N SER B 188 -3.29 9.09 -29.77
CA SER B 188 -2.12 9.88 -30.11
C SER B 188 -2.08 10.27 -31.58
N LEU B 189 -1.61 11.49 -31.85
CA LEU B 189 -1.74 12.05 -33.19
C LEU B 189 -0.80 11.40 -34.19
N LEU B 190 0.41 11.04 -33.76
CA LEU B 190 1.36 10.39 -34.65
C LEU B 190 1.35 8.87 -34.55
N GLU B 191 0.59 8.32 -33.60
CA GLU B 191 0.48 6.87 -33.43
C GLU B 191 -0.91 6.56 -32.94
N PRO B 192 -1.89 6.56 -33.86
CA PRO B 192 -3.31 6.53 -33.46
C PRO B 192 -3.76 5.23 -32.84
N THR B 193 -2.89 4.24 -32.70
CA THR B 193 -3.24 2.99 -32.03
C THR B 193 -2.96 3.03 -30.53
N LYS B 194 -2.28 4.05 -30.02
CA LYS B 194 -2.15 4.26 -28.57
C LYS B 194 -2.84 5.55 -28.17
N LYS B 195 -3.36 5.60 -26.93
CA LYS B 195 -4.10 6.77 -26.50
C LYS B 195 -3.15 7.94 -26.25
N MET B 196 -3.70 9.16 -26.33
CA MET B 196 -3.03 10.31 -25.77
C MET B 196 -2.71 10.13 -24.30
N SER B 197 -1.47 10.44 -23.93
CA SER B 197 -1.03 10.33 -22.54
C SER B 197 -0.19 11.55 -22.20
N LYS B 198 -0.43 12.17 -21.04
CA LYS B 198 0.40 13.30 -20.60
C LYS B 198 1.86 12.94 -20.48
N SER B 199 2.15 11.69 -20.17
CA SER B 199 3.52 11.27 -19.91
C SER B 199 4.30 10.94 -21.18
N ASP B 200 3.69 11.05 -22.36
CA ASP B 200 4.38 10.75 -23.60
C ASP B 200 5.59 11.66 -23.76
N ASP B 201 6.76 11.04 -24.03
CA ASP B 201 7.96 11.80 -24.35
C ASP B 201 7.81 12.58 -25.65
N ASN B 202 7.03 12.06 -26.59
CA ASN B 202 6.82 12.73 -27.87
C ASN B 202 5.64 13.68 -27.77
N ARG B 203 5.94 14.97 -27.58
CA ARG B 203 4.88 15.98 -27.35
C ARG B 203 3.98 16.18 -28.58
N ASN B 204 4.48 15.77 -29.73
CA ASN B 204 3.69 15.93 -30.94
C ASN B 204 2.57 14.91 -31.02
N ASN B 205 2.52 13.94 -30.09
CA ASN B 205 1.39 13.04 -30.02
C ASN B 205 0.19 13.65 -29.28
N VAL B 206 0.38 14.70 -28.52
CA VAL B 206 -0.66 15.20 -27.64
C VAL B 206 -0.93 16.67 -27.95
N ILE B 207 -2.15 17.11 -27.62
CA ILE B 207 -2.46 18.52 -27.53
C ILE B 207 -2.70 18.84 -26.06
N GLY B 208 -1.79 19.62 -25.47
CA GLY B 208 -2.01 20.12 -24.13
C GLY B 208 -3.09 21.18 -24.10
N LEU B 209 -3.74 21.33 -22.94
CA LEU B 209 -4.86 22.26 -22.83
C LEU B 209 -4.42 23.70 -22.98
N LEU B 210 -3.13 23.99 -22.87
CA LEU B 210 -2.64 25.36 -22.94
C LEU B 210 -2.02 25.71 -24.29
N GLU B 211 -2.14 24.83 -25.29
CA GLU B 211 -1.45 25.04 -26.56
C GLU B 211 -2.15 26.12 -27.38
N ASP B 212 -1.36 26.98 -28.04
CA ASP B 212 -1.82 28.06 -28.90
C ASP B 212 -2.59 27.53 -30.11
N PRO B 213 -3.46 28.37 -30.72
CA PRO B 213 -4.07 27.96 -32.01
C PRO B 213 -3.06 27.57 -33.08
N LYS B 214 -1.92 28.26 -33.19
CA LYS B 214 -0.91 27.88 -34.18
C LYS B 214 -0.35 26.50 -33.88
N SER B 215 -0.08 26.23 -32.60
CA SER B 215 0.45 24.93 -32.21
C SER B 215 -0.56 23.82 -32.52
N VAL B 216 -1.83 24.05 -32.20
CA VAL B 216 -2.88 23.08 -32.50
C VAL B 216 -2.93 22.77 -33.99
N VAL B 217 -2.92 23.82 -34.83
CA VAL B 217 -3.00 23.61 -36.28
C VAL B 217 -1.84 22.75 -36.77
N LYS B 218 -0.62 23.04 -36.29
CA LYS B 218 0.56 22.30 -36.72
C LYS B 218 0.46 20.83 -36.35
N LYS B 219 0.06 20.53 -35.11
CA LYS B 219 -0.01 19.14 -34.64
C LYS B 219 -1.14 18.37 -35.32
N ILE B 220 -2.29 19.00 -35.51
CA ILE B 220 -3.37 18.36 -36.25
C ILE B 220 -2.96 18.16 -37.70
N LYS B 221 -2.30 19.15 -38.30
CA LYS B 221 -1.88 19.02 -39.70
C LYS B 221 -1.04 17.78 -39.91
N ARG B 222 -0.16 17.47 -38.97
CA ARG B 222 0.76 16.37 -39.15
C ARG B 222 0.21 15.06 -38.63
N ALA B 223 -1.02 15.06 -38.10
CA ALA B 223 -1.62 13.85 -37.57
C ALA B 223 -1.64 12.76 -38.65
N VAL B 224 -1.29 11.53 -38.24
CA VAL B 224 -1.25 10.41 -39.18
C VAL B 224 -2.65 10.09 -39.67
N THR B 225 -2.77 9.90 -40.98
CA THR B 225 -4.01 9.45 -41.63
C THR B 225 -3.63 8.24 -42.47
N ASP B 226 -4.51 7.83 -43.38
CA ASP B 226 -4.28 6.64 -44.20
C ASP B 226 -3.99 7.06 -45.65
N SER B 227 -3.79 6.06 -46.51
CA SER B 227 -3.44 6.32 -47.90
C SER B 227 -4.62 6.16 -48.85
N ASP B 228 -5.85 6.19 -48.35
CA ASP B 228 -7.00 6.10 -49.25
C ASP B 228 -6.93 7.23 -50.28
N GLU B 229 -7.15 6.89 -51.56
CA GLU B 229 -7.19 7.84 -52.66
C GLU B 229 -8.37 7.45 -53.55
N PRO B 230 -9.43 8.26 -53.62
CA PRO B 230 -9.68 9.51 -52.89
C PRO B 230 -9.78 9.25 -51.38
N PRO B 231 -9.46 10.28 -50.60
CA PRO B 231 -9.65 10.19 -49.14
C PRO B 231 -11.11 9.88 -48.81
N VAL B 232 -11.30 9.07 -47.78
CA VAL B 232 -12.62 8.70 -47.30
C VAL B 232 -12.69 9.09 -45.84
N VAL B 233 -13.60 10.00 -45.50
CA VAL B 233 -13.81 10.42 -44.11
C VAL B 233 -14.92 9.54 -43.55
N ARG B 234 -14.51 8.41 -42.97
CA ARG B 234 -15.45 7.46 -42.41
C ARG B 234 -14.80 6.85 -41.17
N TYR B 235 -15.62 6.58 -40.16
CA TYR B 235 -15.13 6.04 -38.90
C TYR B 235 -14.87 4.54 -39.04
N ASP B 236 -13.59 4.14 -38.91
CA ASP B 236 -13.21 2.73 -38.97
C ASP B 236 -11.87 2.59 -38.21
N VAL B 237 -11.95 2.24 -36.93
CA VAL B 237 -10.73 2.23 -36.12
C VAL B 237 -9.75 1.18 -36.63
N GLN B 238 -10.27 0.02 -37.02
CA GLN B 238 -9.39 -1.07 -37.45
C GLN B 238 -8.53 -0.65 -38.63
N ASN B 239 -9.15 0.01 -39.62
CA ASN B 239 -8.50 0.29 -40.89
C ASN B 239 -8.09 1.75 -41.07
N LYS B 240 -8.72 2.67 -40.36
CA LYS B 240 -8.53 4.10 -40.51
C LYS B 240 -8.35 4.78 -39.15
N ALA B 241 -7.38 4.30 -38.36
CA ALA B 241 -7.28 4.76 -36.97
C ALA B 241 -7.11 6.26 -36.87
N GLY B 242 -6.24 6.85 -37.71
CA GLY B 242 -5.98 8.28 -37.60
C GLY B 242 -7.17 9.15 -37.98
N VAL B 243 -7.83 8.83 -39.10
CA VAL B 243 -9.04 9.55 -39.49
C VAL B 243 -10.15 9.36 -38.46
N SER B 244 -10.30 8.13 -37.96
CA SER B 244 -11.34 7.86 -36.97
C SER B 244 -11.12 8.67 -35.70
N ASN B 245 -9.87 8.82 -35.28
CA ASN B 245 -9.55 9.61 -34.10
C ASN B 245 -9.90 11.08 -34.30
N LEU B 246 -9.63 11.62 -35.50
CA LEU B 246 -10.02 13.00 -35.80
C LEU B 246 -11.53 13.18 -35.75
N LEU B 247 -12.28 12.23 -36.32
CA LEU B 247 -13.74 12.30 -36.24
C LEU B 247 -14.23 12.24 -34.80
N ASP B 248 -13.64 11.34 -34.00
CA ASP B 248 -14.01 11.25 -32.59
C ASP B 248 -13.73 12.55 -31.86
N ILE B 249 -12.56 13.12 -32.07
CA ILE B 249 -12.24 14.41 -31.46
C ILE B 249 -13.27 15.47 -31.87
N LEU B 250 -13.55 15.57 -33.18
CA LEU B 250 -14.50 16.59 -33.63
C LEU B 250 -15.88 16.35 -33.03
N SER B 251 -16.34 15.10 -33.01
CA SER B 251 -17.62 14.75 -32.41
C SER B 251 -17.67 15.12 -30.93
N ALA B 252 -16.57 14.86 -30.21
CA ALA B 252 -16.48 15.16 -28.79
C ALA B 252 -16.55 16.66 -28.53
N VAL B 253 -15.96 17.49 -29.40
CA VAL B 253 -16.03 18.94 -29.23
C VAL B 253 -17.42 19.46 -29.58
N THR B 254 -17.94 19.11 -30.76
CA THR B 254 -19.13 19.76 -31.30
C THR B 254 -20.45 19.13 -30.85
N GLY B 255 -20.45 17.86 -30.45
CA GLY B 255 -21.66 17.14 -30.13
C GLY B 255 -22.30 16.47 -31.32
N GLN B 256 -21.74 16.65 -32.50
CA GLN B 256 -22.24 16.03 -33.71
C GLN B 256 -21.94 14.53 -33.72
N SER B 257 -22.92 13.74 -34.13
CA SER B 257 -22.74 12.31 -34.22
C SER B 257 -21.76 11.94 -35.35
N ILE B 258 -21.19 10.74 -35.24
CA ILE B 258 -20.33 10.24 -36.32
C ILE B 258 -21.09 10.14 -37.64
N PRO B 259 -22.33 9.62 -37.70
CA PRO B 259 -23.07 9.67 -38.98
C PRO B 259 -23.27 11.08 -39.52
N GLU B 260 -23.53 12.07 -38.65
CA GLU B 260 -23.66 13.45 -39.11
C GLU B 260 -22.36 13.96 -39.71
N LEU B 261 -21.24 13.65 -39.04
CA LEU B 261 -19.94 14.13 -39.50
C LEU B 261 -19.53 13.47 -40.81
N GLU B 262 -19.81 12.17 -40.94
CA GLU B 262 -19.51 11.48 -42.19
C GLU B 262 -20.29 12.09 -43.36
N LYS B 263 -21.57 12.43 -43.11
CA LYS B 263 -22.35 13.14 -44.13
C LYS B 263 -21.75 14.50 -44.43
N GLN B 264 -21.35 15.22 -43.38
CA GLN B 264 -20.71 16.53 -43.52
C GLN B 264 -19.44 16.48 -44.38
N PHE B 265 -18.69 15.38 -44.34
CA PHE B 265 -17.40 15.34 -45.00
C PHE B 265 -17.41 14.51 -46.28
N GLU B 266 -18.58 14.12 -46.76
CA GLU B 266 -18.69 13.49 -48.07
C GLU B 266 -18.02 14.36 -49.12
N GLY B 267 -17.17 13.75 -49.95
CA GLY B 267 -16.51 14.50 -51.00
C GLY B 267 -15.38 15.38 -50.55
N LYS B 268 -15.01 15.36 -49.28
CA LYS B 268 -14.00 16.26 -48.77
C LYS B 268 -12.69 15.52 -48.49
N MET B 269 -11.65 16.30 -48.24
CA MET B 269 -10.30 15.78 -48.01
C MET B 269 -9.98 15.77 -46.52
N TYR B 270 -8.92 15.05 -46.17
CA TYR B 270 -8.47 15.04 -44.78
C TYR B 270 -8.04 16.43 -44.32
N GLY B 271 -7.55 17.27 -45.24
CA GLY B 271 -7.27 18.65 -44.90
C GLY B 271 -8.51 19.43 -44.45
N HIS B 272 -9.67 19.14 -45.06
CA HIS B 272 -10.92 19.73 -44.56
C HIS B 272 -11.19 19.26 -43.13
N LEU B 273 -11.06 17.96 -42.90
CA LEU B 273 -11.28 17.41 -41.57
C LEU B 273 -10.33 18.02 -40.54
N LYS B 274 -9.04 18.12 -40.90
CA LYS B 274 -8.05 18.64 -39.95
C LYS B 274 -8.31 20.10 -39.61
N GLY B 275 -8.68 20.90 -40.60
CA GLY B 275 -8.98 22.29 -40.34
C GLY B 275 -10.16 22.45 -39.41
N GLU B 276 -11.20 21.62 -39.57
CA GLU B 276 -12.34 21.73 -38.69
C GLU B 276 -12.00 21.25 -37.29
N VAL B 277 -11.17 20.22 -37.19
CA VAL B 277 -10.78 19.73 -35.87
C VAL B 277 -9.96 20.79 -35.13
N ALA B 278 -9.01 21.41 -35.83
CA ALA B 278 -8.14 22.38 -35.17
C ALA B 278 -8.94 23.59 -34.70
N ASP B 279 -9.84 24.10 -35.54
CA ASP B 279 -10.69 25.22 -35.12
C ASP B 279 -11.56 24.84 -33.94
N ALA B 280 -12.15 23.65 -33.97
CA ALA B 280 -13.01 23.24 -32.87
C ALA B 280 -12.21 23.09 -31.58
N VAL B 281 -11.05 22.45 -31.67
CA VAL B 281 -10.25 22.22 -30.46
C VAL B 281 -9.80 23.54 -29.86
N SER B 282 -9.34 24.48 -30.70
CA SER B 282 -8.87 25.75 -30.16
C SER B 282 -10.00 26.56 -29.55
N GLY B 283 -11.19 26.50 -30.14
CA GLY B 283 -12.35 27.16 -29.54
C GLY B 283 -12.72 26.56 -28.18
N MET B 284 -12.57 25.24 -28.04
CA MET B 284 -12.83 24.58 -26.76
C MET B 284 -11.93 25.11 -25.66
N LEU B 285 -10.72 25.56 -26.02
CA LEU B 285 -9.67 25.91 -25.07
C LEU B 285 -9.61 27.39 -24.73
N THR B 286 -10.32 28.26 -25.47
CA THR B 286 -10.11 29.69 -25.29
C THR B 286 -10.36 30.14 -23.85
N GLU B 287 -11.46 29.70 -23.26
CA GLU B 287 -11.83 30.22 -21.93
C GLU B 287 -10.81 29.82 -20.87
N LEU B 288 -10.46 28.53 -20.80
CA LEU B 288 -9.55 28.10 -19.75
C LEU B 288 -8.16 28.71 -19.93
N GLN B 289 -7.75 28.98 -21.18
CA GLN B 289 -6.45 29.57 -21.41
C GLN B 289 -6.43 31.03 -20.97
N GLU B 290 -7.57 31.71 -21.04
CA GLU B 290 -7.61 33.11 -20.62
C GLU B 290 -7.40 33.21 -19.11
N ARG B 291 -7.77 32.18 -18.37
CA ARG B 291 -7.73 32.24 -16.90
C ARG B 291 -6.53 31.52 -16.26
N TYR B 292 -5.84 30.66 -17.01
CA TYR B 292 -4.86 29.78 -16.36
C TYR B 292 -3.77 30.55 -15.60
N HIS B 293 -3.13 31.54 -16.24
CA HIS B 293 -1.99 32.17 -15.59
C HIS B 293 -2.39 32.95 -14.35
N ARG B 294 -3.60 33.49 -14.30
CA ARG B 294 -4.05 34.17 -13.10
C ARG B 294 -4.18 33.19 -11.94
N PHE B 295 -4.78 32.01 -12.21
CA PHE B 295 -4.84 30.97 -11.19
C PHE B 295 -3.46 30.47 -10.81
N ARG B 296 -2.60 30.23 -11.82
CA ARG B 296 -1.29 29.62 -11.57
C ARG B 296 -0.37 30.53 -10.78
N ASN B 297 -0.50 31.84 -10.95
CA ASN B 297 0.40 32.79 -10.28
C ASN B 297 -0.16 33.33 -8.95
N ASP B 298 -1.35 32.89 -8.55
CA ASP B 298 -1.92 33.23 -7.24
C ASP B 298 -1.61 32.13 -6.23
N GLU B 299 -0.40 32.20 -5.66
CA GLU B 299 0.03 31.16 -4.72
C GLU B 299 -0.84 31.08 -3.48
N ALA B 300 -1.22 32.23 -2.90
CA ALA B 300 -2.10 32.18 -1.73
C ALA B 300 -3.42 31.49 -2.06
N PHE B 301 -3.97 31.74 -3.26
CA PHE B 301 -5.22 31.09 -3.65
C PHE B 301 -5.03 29.58 -3.78
N LEU B 302 -3.94 29.17 -4.45
CA LEU B 302 -3.67 27.75 -4.62
C LEU B 302 -3.52 27.06 -3.26
N GLN B 303 -2.76 27.66 -2.35
CA GLN B 303 -2.58 27.09 -1.01
C GLN B 303 -3.90 27.03 -0.25
N GLN B 304 -4.72 28.09 -0.33
CA GLN B 304 -5.98 28.09 0.38
C GLN B 304 -6.91 27.00 -0.12
N VAL B 305 -7.00 26.84 -1.45
CA VAL B 305 -7.81 25.76 -2.01
C VAL B 305 -7.33 24.41 -1.48
N MET B 306 -6.02 24.17 -1.49
CA MET B 306 -5.58 22.87 -0.99
C MET B 306 -5.85 22.72 0.50
N LYS B 307 -5.67 23.80 1.27
CA LYS B 307 -5.95 23.74 2.70
C LYS B 307 -7.41 23.39 2.98
N ASP B 308 -8.34 24.16 2.39
CA ASP B 308 -9.77 23.92 2.60
C ASP B 308 -10.19 22.55 2.08
N GLY B 309 -9.68 22.18 0.91
CA GLY B 309 -10.06 20.91 0.33
C GLY B 309 -9.61 19.74 1.18
N ALA B 310 -8.36 19.78 1.67
CA ALA B 310 -7.86 18.67 2.48
C ALA B 310 -8.66 18.55 3.77
N GLU B 311 -9.03 19.69 4.36
CA GLU B 311 -9.88 19.68 5.55
C GLU B 311 -11.23 19.04 5.26
N LYS B 312 -11.86 19.41 4.14
CA LYS B 312 -13.16 18.84 3.80
C LYS B 312 -13.03 17.35 3.50
N ALA B 313 -12.00 16.96 2.76
CA ALA B 313 -11.79 15.54 2.44
C ALA B 313 -11.55 14.73 3.72
N SER B 314 -10.70 15.24 4.61
CA SER B 314 -10.35 14.50 5.83
C SER B 314 -11.58 14.16 6.65
N ALA B 315 -12.54 15.10 6.74
CA ALA B 315 -13.72 14.88 7.55
C ALA B 315 -14.51 13.67 7.04
N HIS B 316 -14.69 13.57 5.72
CA HIS B 316 -15.38 12.42 5.13
C HIS B 316 -14.52 11.16 5.17
N ALA B 317 -13.23 11.27 4.83
CA ALA B 317 -12.39 10.08 4.77
C ALA B 317 -12.21 9.47 6.15
N SER B 318 -12.09 10.30 7.19
CA SER B 318 -11.81 9.71 8.50
C SER B 318 -13.03 8.97 9.03
N ARG B 319 -14.23 9.41 8.68
CA ARG B 319 -15.44 8.69 9.08
C ARG B 319 -15.51 7.30 8.45
N THR B 320 -15.17 7.19 7.17
CA THR B 320 -15.14 5.89 6.52
C THR B 320 -14.04 5.01 7.07
N LEU B 321 -12.83 5.56 7.20
CA LEU B 321 -11.72 4.78 7.73
C LEU B 321 -12.03 4.28 9.14
N LYS B 322 -12.65 5.12 9.98
CA LYS B 322 -13.04 4.67 11.32
C LYS B 322 -13.94 3.44 11.24
N ALA B 323 -14.94 3.48 10.34
CA ALA B 323 -15.84 2.34 10.15
C ALA B 323 -15.10 1.13 9.63
N VAL B 324 -14.14 1.33 8.72
CA VAL B 324 -13.36 0.21 8.19
C VAL B 324 -12.55 -0.45 9.29
N TYR B 325 -11.87 0.35 10.11
CA TYR B 325 -11.00 -0.18 11.15
C TYR B 325 -11.81 -0.91 12.21
N GLU B 326 -12.98 -0.37 12.58
CA GLU B 326 -13.88 -1.06 13.51
C GLU B 326 -14.29 -2.42 12.97
N ALA B 327 -14.68 -2.47 11.69
CA ALA B 327 -15.15 -3.71 11.08
C ALA B 327 -14.04 -4.75 10.99
N ILE B 328 -12.83 -4.32 10.66
CA ILE B 328 -11.72 -5.24 10.47
C ILE B 328 -11.32 -5.88 11.78
N GLY B 329 -11.45 -5.15 12.87
CA GLY B 329 -11.05 -5.64 14.18
C GLY B 329 -9.89 -4.93 14.82
N PHE B 330 -9.43 -3.80 14.27
CA PHE B 330 -8.36 -3.04 14.89
C PHE B 330 -8.82 -2.43 16.20
N VAL B 331 -7.92 -2.37 17.17
CA VAL B 331 -8.15 -1.60 18.38
C VAL B 331 -8.14 -0.11 17.99
N ALA B 332 -9.22 0.60 18.34
CA ALA B 332 -9.29 2.01 17.97
C ALA B 332 -8.19 2.79 18.71
N LYS B 333 -7.65 3.79 18.04
CA LYS B 333 -6.65 4.64 18.70
C LYS B 333 -7.30 5.36 19.87
N PRO B 334 -6.68 5.34 21.07
CA PRO B 334 -7.26 6.08 22.21
C PRO B 334 -7.36 7.56 21.90
N HIS B 335 -8.42 8.20 22.41
CA HIS B 335 -8.72 9.58 22.04
C HIS B 335 -7.86 10.60 22.78
C01 9E0 C . 10.52 -5.28 12.28
C02 9E0 C . 10.49 -6.67 12.43
C03 9E0 C . 9.43 -4.58 11.78
C04 9E0 C . 8.29 -5.29 11.41
C05 9E0 C . 9.34 -7.38 12.07
C06 9E0 C . 8.24 -6.68 11.56
C07 9E0 C . 6.95 -7.13 11.17
C08 9E0 C . 6.26 -6.00 10.80
C09 9E0 C . 7.91 -9.38 10.88
C10 9E0 C . 6.63 -8.59 11.21
C11 9E0 C . 7.58 -10.86 10.76
C12 9E0 C . 6.06 -8.98 12.57
N01 9E0 C . 7.06 -4.90 10.95
O01 9E0 C . 8.22 -11.66 11.47
O02 9E0 C . 6.66 -11.16 9.96
S01 9E0 C . 9.29 -9.14 12.11
PG ATP D . 2.58 -15.83 12.05
O1G ATP D . 1.24 -15.17 12.18
O2G ATP D . 2.56 -17.36 11.82
O3G ATP D . 3.48 -15.25 10.98
PB ATP D . 4.87 -15.88 13.93
O1B ATP D . 4.93 -16.93 14.98
O2B ATP D . 5.71 -16.15 12.70
O3B ATP D . 3.41 -15.64 13.41
PA ATP D . 5.49 -13.03 13.83
O1A ATP D . 4.62 -12.06 14.51
O2A ATP D . 5.27 -13.24 12.34
O3A ATP D . 5.29 -14.46 14.46
O5' ATP D . 7.03 -12.73 14.12
C5' ATP D . 7.44 -12.03 15.31
C4' ATP D . 8.90 -12.29 15.58
O4' ATP D . 9.09 -13.66 16.02
C3' ATP D . 9.82 -12.09 14.38
O3' ATP D . 11.04 -11.49 14.80
C2' ATP D . 10.06 -13.53 13.89
O2' ATP D . 11.30 -13.70 13.19
C1' ATP D . 10.07 -14.27 15.23
N9 ATP D . 9.74 -15.68 15.12
C8 ATP D . 8.62 -16.22 14.54
N7 ATP D . 8.59 -17.54 14.58
C5 ATP D . 9.77 -17.87 15.23
C6 ATP D . 10.34 -19.12 15.56
N6 ATP D . 9.75 -20.29 15.30
N1 ATP D . 11.53 -19.11 16.19
C2 ATP D . 12.12 -17.93 16.45
N3 ATP D . 11.68 -16.70 16.17
C4 ATP D . 10.49 -16.74 15.55
MG MG E . 5.66 -14.83 11.06
C01 9E0 F . -10.64 8.00 -9.55
C02 9E0 F . -10.22 8.03 -10.88
C03 9E0 F . -9.72 7.92 -8.51
C04 9E0 F . -8.36 7.87 -8.83
C05 9E0 F . -8.87 7.98 -11.21
C06 9E0 F . -7.94 7.92 -10.16
C07 9E0 F . -6.52 7.87 -10.18
C08 9E0 F . -6.13 7.80 -8.86
C09 9E0 F . -6.60 7.12 -12.57
C10 9E0 F . -5.78 7.87 -11.48
C11 9E0 F . -5.82 7.03 -13.88
C12 9E0 F . -5.43 9.29 -11.92
N01 9E0 F . -7.23 7.80 -8.05
O01 9E0 F . -6.38 7.39 -14.93
O02 9E0 F . -4.66 6.59 -13.80
S01 9E0 F . -8.28 7.87 -12.86
PG ATP G . -0.20 9.40 -17.62
O1G ATP G . 0.77 9.98 -16.67
O2G ATP G . 0.36 9.12 -19.01
O3G ATP G . -0.94 8.19 -17.11
PB ATP G . -2.77 10.49 -18.55
O1B ATP G . -2.82 11.40 -19.73
O2B ATP G . -3.16 9.04 -18.80
O3B ATP G . -1.38 10.46 -17.90
PA ATP G . -4.11 10.52 -15.93
O1A ATP G . -3.78 11.56 -14.93
O2A ATP G . -3.40 9.18 -15.79
O3A ATP G . -3.70 11.02 -17.37
O5' ATP G . -5.67 10.27 -16.10
C5' ATP G . -6.63 11.26 -15.69
C4' ATP G . -7.96 11.01 -16.39
O4' ATP G . -7.84 11.24 -17.80
C3' ATP G . -8.54 9.61 -16.23
O3' ATP G . -9.96 9.68 -16.07
C2' ATP G . -8.19 8.94 -17.56
O2' ATP G . -9.06 7.86 -17.89
C1' ATP G . -8.37 10.13 -18.51
N9 ATP G . -7.65 10.00 -19.76
C8 ATP G . -6.31 9.80 -19.92
N7 ATP G . -5.93 9.74 -21.18
C5 ATP G . -7.11 9.90 -21.89
C6 ATP G . -7.39 9.92 -23.27
N6 ATP G . -6.47 9.76 -24.21
N1 ATP G . -8.69 10.13 -23.65
C2 ATP G . -9.62 10.26 -22.69
N3 ATP G . -9.46 10.25 -21.36
C4 ATP G . -8.18 10.08 -21.02
C1 GOL H . -13.99 -13.69 -4.24
O1 GOL H . -13.99 -13.66 -2.83
C2 GOL H . -15.04 -12.78 -4.83
O2 GOL H . -15.28 -11.69 -3.96
C3 GOL H . -14.63 -12.34 -6.24
O3 GOL H . -14.98 -10.98 -6.43
MG MG I . -2.94 7.65 -17.21
#